data_1U25
#
_entry.id   1U25
#
_cell.length_a   128.376
_cell.length_b   228.745
_cell.length_c   91.778
_cell.angle_alpha   90.00
_cell.angle_beta   90.00
_cell.angle_gamma   90.00
#
_symmetry.space_group_name_H-M   'C 2 2 21'
#
loop_
_entity.id
_entity.type
_entity.pdbx_description
1 polymer 'myo-inositol hexaphosphate phosphohydrolase'
2 non-polymer D-MYO-INOSITOL-HEXASULPHATE
3 water water
#
_entity_poly.entity_id   1
_entity_poly.type   'polypeptide(L)'
_entity_poly.pdbx_seq_one_letter_code
;(MSE)AS(MSE)TGGQQ(MSE)GRGSEFAKAPEQTVTEPVGSYARAERPQDFEGFVWRLDNDGKEALPRNFRTSADALRA
PEKKFHLDAAYVPSREG(MSE)DALHISGSSAFTPAQLKNVAAKLREKTAGPIYDVDLRQESHGYLDGIPVSWYGERDWA
NLGKSQHEALADERHRLHAALHKTVYIAPLGKHKLPEGGEVRRVQKVQTEQEVAEAAG(MSE)RYFRIAATDHVWPTPEN
IDRFLAFYRTLPQDAWLHFHCEAGVGRTTAF(MSE)V(MSE)TD(MSE)LKNPSVSLKDILYRQHEIGGFYYGEFPIKTK
DKDSWKTKYYREKIV(MSE)IEQFYRYVQENRADGYQTPWSVWLKSHPAKALE
;
_entity_poly.pdbx_strand_id   A,B,C
#
loop_
_chem_comp.id
_chem_comp.type
_chem_comp.name
_chem_comp.formula
IHS non-polymer D-MYO-INOSITOL-HEXASULPHATE 'C6 H12 O24 S6'
#
# COMPACT_ATOMS: atom_id res chain seq x y z
N THR A 25 -22.90 24.78 -6.08
CA THR A 25 -22.05 23.59 -5.74
C THR A 25 -21.03 23.24 -6.80
N GLU A 26 -19.81 23.01 -6.35
CA GLU A 26 -18.78 22.71 -7.32
C GLU A 26 -18.62 21.24 -7.77
N PRO A 27 -18.22 21.04 -9.04
CA PRO A 27 -18.03 19.69 -9.54
C PRO A 27 -16.62 19.25 -9.09
N VAL A 28 -16.53 17.99 -8.70
CA VAL A 28 -15.29 17.40 -8.24
C VAL A 28 -14.06 17.86 -9.04
N GLY A 29 -12.99 18.20 -8.33
CA GLY A 29 -11.79 18.71 -8.99
C GLY A 29 -11.70 20.24 -8.86
N SER A 30 -12.77 20.84 -8.35
CA SER A 30 -12.93 22.28 -8.15
C SER A 30 -13.60 22.68 -6.79
N TYR A 31 -13.50 21.85 -5.76
CA TYR A 31 -14.18 22.19 -4.53
C TYR A 31 -13.69 23.49 -3.98
N ALA A 32 -12.41 23.76 -4.15
CA ALA A 32 -11.83 24.98 -3.61
C ALA A 32 -12.51 26.26 -4.08
N ARG A 33 -13.10 26.24 -5.27
CA ARG A 33 -13.75 27.46 -5.78
C ARG A 33 -14.91 27.97 -4.93
N ALA A 34 -15.41 27.08 -4.06
CA ALA A 34 -16.54 27.43 -3.23
C ALA A 34 -16.12 28.24 -2.00
N GLU A 35 -14.84 28.30 -1.68
CA GLU A 35 -14.42 29.07 -0.50
C GLU A 35 -14.33 30.58 -0.78
N ARG A 36 -14.45 31.39 0.28
CA ARG A 36 -14.39 32.86 0.19
C ARG A 36 -12.99 33.36 0.57
N PRO A 37 -12.20 33.80 -0.44
CA PRO A 37 -10.85 34.28 -0.21
C PRO A 37 -10.73 35.39 0.86
N GLN A 38 -11.62 36.35 0.81
CA GLN A 38 -11.61 37.42 1.78
C GLN A 38 -11.55 36.88 3.22
N ASP A 39 -11.86 35.59 3.44
CA ASP A 39 -11.81 35.03 4.80
C ASP A 39 -10.49 34.34 5.19
N PHE A 40 -9.43 34.57 4.42
CA PHE A 40 -8.17 33.94 4.74
C PHE A 40 -7.00 34.85 4.41
N GLU A 41 -7.20 36.15 4.58
CA GLU A 41 -6.20 37.20 4.33
C GLU A 41 -4.92 36.93 5.09
N GLY A 42 -3.79 37.10 4.41
CA GLY A 42 -2.52 36.94 5.08
C GLY A 42 -2.44 37.83 6.32
N PHE A 43 -1.74 37.40 7.37
CA PHE A 43 -1.64 38.23 8.55
C PHE A 43 -0.29 38.18 9.17
N VAL A 44 0.49 37.15 8.91
CA VAL A 44 1.83 37.10 9.49
C VAL A 44 2.94 36.62 8.54
N TRP A 45 4.17 37.00 8.82
CA TRP A 45 5.28 36.53 7.96
C TRP A 45 5.68 35.20 8.53
N ARG A 46 5.22 34.09 7.98
CA ARG A 46 5.62 32.84 8.55
C ARG A 46 7.11 32.49 8.28
N LEU A 47 7.80 31.96 9.29
CA LEU A 47 9.20 31.52 9.16
C LEU A 47 9.11 30.20 8.43
N ASP A 48 9.61 30.14 7.20
CA ASP A 48 9.42 28.90 6.46
C ASP A 48 10.37 27.78 6.84
N ASN A 49 11.46 28.16 7.49
CA ASN A 49 12.51 27.19 7.92
C ASN A 49 13.54 27.84 8.83
N ASP A 50 13.96 27.12 9.87
CA ASP A 50 14.96 27.61 10.82
C ASP A 50 16.42 27.51 10.40
N GLY A 51 16.69 26.86 9.27
CA GLY A 51 18.05 26.79 8.80
C GLY A 51 19.02 26.11 9.76
N LYS A 52 18.47 25.30 10.65
CA LYS A 52 19.28 24.55 11.65
C LYS A 52 19.93 23.29 11.02
N GLU A 53 19.15 22.54 10.23
CA GLU A 53 19.62 21.33 9.55
C GLU A 53 20.25 21.69 8.23
N ALA A 54 21.20 20.87 7.81
CA ALA A 54 21.87 21.11 6.58
C ALA A 54 20.92 20.93 5.39
N LEU A 55 19.96 20.01 5.50
CA LEU A 55 18.98 19.77 4.44
C LEU A 55 17.53 20.14 4.81
N PRO A 56 16.71 20.50 3.82
CA PRO A 56 15.33 20.84 4.14
C PRO A 56 14.57 19.57 4.55
N ARG A 57 13.40 19.71 5.15
CA ARG A 57 12.63 18.54 5.59
C ARG A 57 12.05 17.75 4.46
N ASN A 58 11.86 16.47 4.74
CA ASN A 58 11.28 15.53 3.82
C ASN A 58 11.97 15.44 2.46
N PHE A 59 13.28 15.55 2.45
CA PHE A 59 14.06 15.48 1.21
C PHE A 59 14.12 14.02 0.73
N ARG A 60 13.86 13.80 -0.56
CA ARG A 60 13.86 12.45 -1.14
C ARG A 60 14.14 12.44 -2.64
N THR A 61 14.61 11.31 -3.13
CA THR A 61 14.94 11.16 -4.53
C THR A 61 14.25 9.94 -5.14
N SER A 62 13.92 9.97 -6.44
CA SER A 62 13.34 8.76 -7.08
C SER A 62 14.48 7.73 -7.15
N ALA A 63 15.67 8.14 -6.79
CA ALA A 63 16.79 7.24 -6.76
C ALA A 63 16.93 6.58 -5.39
N ASP A 64 15.92 6.67 -4.53
CA ASP A 64 16.03 6.12 -3.19
C ASP A 64 15.32 4.78 -2.97
N ALA A 65 15.76 4.10 -1.92
CA ALA A 65 15.23 2.83 -1.48
C ALA A 65 13.82 2.97 -0.92
N LEU A 66 12.93 1.99 -1.16
CA LEU A 66 11.58 2.09 -0.59
C LEU A 66 11.68 1.70 0.88
N ARG A 67 10.78 2.21 1.70
CA ARG A 67 10.79 1.88 3.11
C ARG A 67 9.39 1.39 3.43
N ALA A 68 9.21 0.81 4.61
CA ALA A 68 7.88 0.32 4.92
C ALA A 68 6.88 1.48 4.85
N PRO A 69 5.65 1.16 4.46
CA PRO A 69 4.61 2.18 4.36
C PRO A 69 4.19 2.59 5.77
N GLU A 70 3.77 3.85 5.93
CA GLU A 70 3.36 4.32 7.23
C GLU A 70 1.98 3.79 7.57
N LYS A 71 1.82 3.36 8.82
CA LYS A 71 0.56 2.83 9.32
C LYS A 71 -0.72 3.57 8.92
N LYS A 72 -0.71 4.91 9.07
CA LYS A 72 -1.89 5.73 8.78
C LYS A 72 -2.50 5.43 7.45
N PHE A 73 -1.73 4.89 6.53
CA PHE A 73 -2.32 4.60 5.23
C PHE A 73 -2.92 3.23 5.08
N HIS A 74 -2.62 2.32 6.00
CA HIS A 74 -3.16 0.98 5.95
C HIS A 74 -2.94 0.29 4.65
N LEU A 75 -1.70 0.28 4.23
CA LEU A 75 -1.37 -0.37 3.00
C LEU A 75 -0.91 -1.80 3.32
N ASP A 76 -0.51 -2.52 2.28
CA ASP A 76 -0.03 -3.88 2.39
C ASP A 76 1.51 -3.81 2.54
N ALA A 77 1.99 -3.90 3.78
CA ALA A 77 3.43 -3.89 4.11
C ALA A 77 4.28 -4.97 3.40
N ALA A 78 3.66 -5.97 2.79
CA ALA A 78 4.41 -7.00 2.11
C ALA A 78 4.43 -6.89 0.59
N TYR A 79 3.66 -5.95 0.05
CA TYR A 79 3.64 -5.72 -1.40
C TYR A 79 4.90 -4.97 -1.84
N VAL A 80 5.73 -5.57 -2.70
CA VAL A 80 6.96 -4.90 -3.19
C VAL A 80 6.60 -4.20 -4.49
N PRO A 81 6.55 -2.86 -4.47
CA PRO A 81 6.18 -2.22 -5.74
C PRO A 81 7.26 -2.19 -6.80
N SER A 82 6.81 -2.04 -8.04
CA SER A 82 7.76 -2.02 -9.14
C SER A 82 8.59 -0.74 -9.21
N ARG A 83 9.85 -0.87 -9.64
CA ARG A 83 10.68 0.30 -9.77
C ARG A 83 10.94 0.70 -11.22
N GLU A 84 10.26 0.05 -12.15
CA GLU A 84 10.48 0.36 -13.56
C GLU A 84 10.49 1.90 -13.66
N GLY A 85 11.47 2.47 -14.37
CA GLY A 85 11.53 3.91 -14.59
C GLY A 85 12.11 4.85 -13.54
N MSE A 86 12.15 4.35 -12.31
CA MSE A 86 12.64 5.16 -11.22
C MSE A 86 14.03 5.69 -11.48
O MSE A 86 14.29 6.88 -11.34
CB MSE A 86 12.57 4.39 -9.91
CG MSE A 86 11.16 4.08 -9.49
SE MSE A 86 10.93 4.00 -7.59
CE MSE A 86 10.69 5.89 -7.26
N ASP A 87 14.92 4.82 -11.92
CA ASP A 87 16.28 5.22 -12.16
C ASP A 87 16.34 6.35 -13.20
N ALA A 88 15.44 6.38 -14.15
CA ALA A 88 15.54 7.49 -15.11
C ALA A 88 14.61 8.65 -14.78
N LEU A 89 13.89 8.57 -13.67
CA LEU A 89 12.91 9.58 -13.36
C LEU A 89 13.60 10.91 -13.19
N HIS A 90 14.63 10.92 -12.36
CA HIS A 90 15.39 12.11 -12.12
C HIS A 90 14.49 13.20 -11.46
N ILE A 91 13.81 12.78 -10.40
CA ILE A 91 12.90 13.64 -9.67
C ILE A 91 13.19 13.60 -8.18
N SER A 92 12.81 14.69 -7.49
CA SER A 92 12.96 14.83 -6.03
C SER A 92 12.01 15.87 -5.38
N GLY A 93 11.92 15.79 -4.05
CA GLY A 93 11.03 16.66 -3.30
C GLY A 93 11.64 17.21 -2.03
N SER A 94 10.97 18.18 -1.40
CA SER A 94 11.50 18.74 -0.21
C SER A 94 10.62 19.92 0.28
N SER A 95 10.84 20.35 1.52
CA SER A 95 10.13 21.47 2.11
C SER A 95 10.90 22.75 1.67
N ALA A 96 10.48 23.90 2.23
CA ALA A 96 11.07 25.20 1.95
C ALA A 96 12.43 25.13 2.56
N PHE A 97 13.28 26.07 2.22
CA PHE A 97 14.63 25.91 2.70
C PHE A 97 15.26 27.28 2.81
N THR A 98 16.45 27.34 3.41
CA THR A 98 17.17 28.61 3.54
C THR A 98 18.14 28.70 2.39
N PRO A 99 18.71 29.86 2.13
CA PRO A 99 19.66 29.87 0.99
C PRO A 99 20.75 28.77 1.12
N ALA A 100 21.28 28.59 2.33
CA ALA A 100 22.32 27.58 2.53
C ALA A 100 21.73 26.21 2.19
N GLN A 101 20.61 25.86 2.82
CA GLN A 101 20.00 24.59 2.53
C GLN A 101 19.84 24.35 1.02
N LEU A 102 19.46 25.36 0.27
CA LEU A 102 19.27 25.17 -1.20
C LEU A 102 20.59 24.71 -1.80
N LYS A 103 21.69 25.33 -1.38
CA LYS A 103 22.98 24.91 -1.94
C LYS A 103 23.25 23.44 -1.56
N ASN A 104 22.97 23.06 -0.33
CA ASN A 104 23.20 21.67 0.04
C ASN A 104 22.35 20.74 -0.80
N VAL A 105 21.15 21.20 -1.17
CA VAL A 105 20.28 20.34 -1.98
C VAL A 105 20.91 20.28 -3.35
N ALA A 106 21.23 21.42 -3.92
CA ALA A 106 21.84 21.39 -5.26
C ALA A 106 23.08 20.53 -5.30
N ALA A 107 23.79 20.40 -4.17
CA ALA A 107 25.03 19.61 -4.12
C ALA A 107 24.80 18.10 -4.07
N LYS A 108 23.73 17.69 -3.38
CA LYS A 108 23.41 16.28 -3.28
C LYS A 108 22.91 15.78 -4.64
N LEU A 109 22.19 16.65 -5.37
CA LEU A 109 21.65 16.33 -6.69
C LEU A 109 22.73 16.29 -7.80
N ARG A 110 23.75 17.14 -7.71
CA ARG A 110 24.84 17.15 -8.68
C ARG A 110 25.66 15.85 -8.58
N GLU A 111 25.43 15.06 -7.54
CA GLU A 111 26.12 13.79 -7.36
C GLU A 111 25.35 12.68 -8.06
N LYS A 112 24.10 12.93 -8.41
CA LYS A 112 23.24 11.92 -9.05
C LYS A 112 22.97 12.16 -10.52
N THR A 113 23.14 13.41 -10.95
CA THR A 113 22.92 13.77 -12.35
C THR A 113 23.99 14.79 -12.77
N ALA A 114 23.97 15.17 -14.05
CA ALA A 114 24.90 16.16 -14.60
C ALA A 114 24.06 17.13 -15.44
N GLY A 115 22.79 16.78 -15.67
CA GLY A 115 21.96 17.67 -16.46
C GLY A 115 21.54 18.93 -15.69
N PRO A 116 20.73 19.83 -16.29
CA PRO A 116 20.28 21.06 -15.63
C PRO A 116 19.30 20.73 -14.47
N ILE A 117 19.51 21.30 -13.30
CA ILE A 117 18.64 21.02 -12.17
C ILE A 117 17.66 22.17 -11.93
N TYR A 118 16.38 21.79 -11.87
CA TYR A 118 15.30 22.74 -11.68
C TYR A 118 14.67 22.84 -10.30
N ASP A 119 14.63 24.07 -9.76
CA ASP A 119 13.94 24.24 -8.50
C ASP A 119 12.52 24.53 -9.01
N VAL A 120 11.57 23.63 -8.74
CA VAL A 120 10.15 23.78 -9.19
C VAL A 120 9.33 24.18 -7.99
N ASP A 121 9.12 25.47 -7.87
CA ASP A 121 8.38 26.08 -6.78
C ASP A 121 6.87 25.88 -6.99
N LEU A 122 6.21 25.22 -6.05
CA LEU A 122 4.77 24.97 -6.19
C LEU A 122 3.88 25.83 -5.30
N ARG A 123 4.39 26.92 -4.78
CA ARG A 123 3.57 27.70 -3.86
C ARG A 123 2.77 28.85 -4.41
N GLN A 124 1.49 28.84 -4.11
CA GLN A 124 0.68 29.98 -4.50
C GLN A 124 0.97 31.07 -3.42
N GLU A 125 1.26 30.67 -2.17
CA GLU A 125 1.49 31.70 -1.17
C GLU A 125 2.67 32.59 -1.55
N SER A 126 2.60 33.87 -1.17
CA SER A 126 3.68 34.78 -1.47
C SER A 126 4.80 34.46 -0.48
N HIS A 127 5.93 34.07 -1.03
CA HIS A 127 7.05 33.74 -0.21
C HIS A 127 8.26 34.37 -0.89
N GLY A 128 9.34 34.50 -0.10
CA GLY A 128 10.63 35.01 -0.51
C GLY A 128 11.67 34.90 0.61
N TYR A 129 12.61 35.83 0.60
CA TYR A 129 13.66 35.83 1.60
C TYR A 129 13.93 37.26 2.07
N LEU A 130 13.82 37.44 3.39
CA LEU A 130 14.00 38.70 4.11
C LEU A 130 15.32 38.54 4.84
N ASP A 131 16.37 39.27 4.50
CA ASP A 131 17.67 39.07 5.20
C ASP A 131 18.12 37.58 5.13
N GLY A 132 17.76 36.89 4.06
CA GLY A 132 18.13 35.50 3.93
C GLY A 132 17.23 34.53 4.68
N ILE A 133 16.35 35.05 5.54
CA ILE A 133 15.41 34.23 6.33
C ILE A 133 14.25 33.90 5.40
N PRO A 134 14.02 32.62 5.13
CA PRO A 134 12.92 32.26 4.26
C PRO A 134 11.55 32.49 4.87
N VAL A 135 10.71 33.31 4.25
CA VAL A 135 9.44 33.54 4.84
C VAL A 135 8.27 33.44 3.85
N SER A 136 7.06 33.26 4.34
CA SER A 136 5.87 33.31 3.48
C SER A 136 4.81 34.20 4.22
N TRP A 137 3.93 34.84 3.46
CA TRP A 137 2.90 35.71 3.99
C TRP A 137 1.75 34.77 4.33
N TYR A 138 1.53 34.55 5.61
CA TYR A 138 0.53 33.59 6.06
C TYR A 138 -0.88 33.98 6.54
N GLY A 139 -1.88 33.43 5.88
CA GLY A 139 -3.28 33.62 6.22
C GLY A 139 -3.85 32.26 6.66
N GLU A 140 -4.92 32.24 7.43
CA GLU A 140 -5.43 30.96 7.89
C GLU A 140 -5.48 29.89 6.84
N ARG A 141 -5.13 28.67 7.25
CA ARG A 141 -5.12 27.55 6.31
C ARG A 141 -4.12 27.77 5.15
N ASP A 142 -3.35 28.86 5.19
CA ASP A 142 -2.36 29.16 4.17
C ASP A 142 -3.00 29.57 2.85
N TRP A 143 -4.11 30.30 2.91
CA TRP A 143 -4.81 30.69 1.66
C TRP A 143 -4.76 32.19 1.36
N ALA A 144 -3.65 32.84 1.67
CA ALA A 144 -3.62 34.26 1.48
C ALA A 144 -3.77 34.64 0.09
N ASN A 145 -3.57 33.68 -0.83
CA ASN A 145 -3.72 34.06 -2.23
C ASN A 145 -4.79 33.28 -2.92
N LEU A 146 -5.67 32.70 -2.12
CA LEU A 146 -6.78 31.95 -2.70
C LEU A 146 -7.57 32.73 -3.73
N GLY A 147 -7.78 32.14 -4.89
CA GLY A 147 -8.55 32.80 -5.93
C GLY A 147 -7.78 33.72 -6.86
N LYS A 148 -6.58 34.13 -6.48
CA LYS A 148 -5.83 34.97 -7.37
C LYS A 148 -5.32 34.13 -8.60
N SER A 149 -5.00 34.85 -9.70
CA SER A 149 -4.49 34.22 -10.91
C SER A 149 -3.01 34.10 -10.64
N GLN A 150 -2.30 33.22 -11.33
CA GLN A 150 -0.83 33.14 -11.06
C GLN A 150 -0.21 34.52 -11.27
N HIS A 151 -0.59 35.22 -12.31
CA HIS A 151 0.00 36.53 -12.47
C HIS A 151 -0.27 37.37 -11.22
N GLU A 152 -1.52 37.43 -10.77
CA GLU A 152 -1.85 38.22 -9.59
C GLU A 152 -1.06 37.77 -8.33
N ALA A 153 -1.06 36.48 -8.08
CA ALA A 153 -0.34 35.95 -6.95
C ALA A 153 1.11 36.45 -6.97
N LEU A 154 1.82 36.30 -8.09
CA LEU A 154 3.21 36.79 -8.14
C LEU A 154 3.32 38.32 -8.07
N ALA A 155 2.22 39.05 -8.31
CA ALA A 155 2.27 40.50 -8.27
C ALA A 155 2.24 40.89 -6.82
N ASP A 156 1.43 40.17 -6.05
CA ASP A 156 1.32 40.45 -4.62
C ASP A 156 2.66 40.22 -3.98
N GLU A 157 3.30 39.12 -4.30
CA GLU A 157 4.62 38.72 -3.78
C GLU A 157 5.72 39.75 -4.11
N ARG A 158 5.93 40.11 -5.37
CA ARG A 158 6.98 41.11 -5.62
C ARG A 158 6.71 42.31 -4.71
N HIS A 159 5.48 42.85 -4.79
CA HIS A 159 5.06 44.03 -4.05
C HIS A 159 5.29 44.09 -2.55
N ARG A 160 4.96 43.03 -1.80
CA ARG A 160 5.10 43.07 -0.33
C ARG A 160 6.44 42.63 0.10
N LEU A 161 7.16 42.02 -0.83
CA LEU A 161 8.51 41.63 -0.55
C LEU A 161 9.28 42.94 -0.71
N HIS A 162 8.91 43.81 -1.64
CA HIS A 162 9.64 45.07 -1.79
C HIS A 162 9.32 46.06 -0.64
N ALA A 163 8.08 46.02 -0.16
CA ALA A 163 7.60 46.85 0.92
C ALA A 163 8.20 46.54 2.28
N ALA A 164 8.78 45.34 2.42
CA ALA A 164 9.43 44.89 3.65
C ALA A 164 10.82 45.49 3.88
N LEU A 165 11.39 46.06 2.81
CA LEU A 165 12.72 46.59 2.86
C LEU A 165 12.80 47.86 3.66
N HIS A 166 13.80 47.91 4.53
CA HIS A 166 14.07 49.05 5.39
C HIS A 166 13.01 49.30 6.39
N LYS A 167 12.20 48.27 6.64
CA LYS A 167 11.10 48.30 7.61
C LYS A 167 11.24 47.24 8.70
N THR A 168 10.54 47.46 9.81
CA THR A 168 10.51 46.53 10.95
C THR A 168 9.52 45.38 10.65
N VAL A 169 9.94 44.12 10.70
CA VAL A 169 8.99 43.00 10.45
C VAL A 169 8.88 42.01 11.59
N TYR A 170 7.75 41.35 11.72
CA TYR A 170 7.70 40.36 12.77
C TYR A 170 7.64 39.06 12.02
N ILE A 171 8.67 38.22 12.11
CA ILE A 171 8.53 36.94 11.44
C ILE A 171 8.58 35.83 12.48
N ALA A 172 7.77 34.80 12.29
CA ALA A 172 7.75 33.73 13.26
C ALA A 172 7.30 32.40 12.71
N PRO A 173 7.49 31.36 13.53
CA PRO A 173 7.10 30.00 13.20
C PRO A 173 5.68 29.73 13.82
N LEU A 174 4.92 28.85 13.18
CA LEU A 174 3.60 28.55 13.70
C LEU A 174 3.76 27.35 14.63
N GLY A 175 3.07 27.39 15.75
CA GLY A 175 3.18 26.28 16.68
C GLY A 175 2.01 25.45 16.28
N LYS A 176 1.34 24.83 17.23
CA LYS A 176 0.23 24.07 16.75
C LYS A 176 -1.17 24.52 17.19
N HIS A 177 -1.74 25.30 16.28
CA HIS A 177 -3.07 25.94 16.36
C HIS A 177 -2.84 26.79 15.12
N LYS A 178 -1.67 26.50 14.53
CA LYS A 178 -1.15 27.14 13.35
C LYS A 178 -1.14 28.64 13.54
N LEU A 179 -0.84 29.10 14.77
CA LEU A 179 -0.73 30.52 15.09
C LEU A 179 0.72 30.77 15.49
N PRO A 180 1.27 32.00 15.34
CA PRO A 180 2.67 32.27 15.71
C PRO A 180 3.08 31.73 17.08
N GLU A 181 4.37 31.69 17.32
CA GLU A 181 4.94 31.19 18.58
C GLU A 181 6.40 31.70 18.60
N GLY A 182 6.66 32.76 19.36
CA GLY A 182 8.01 33.32 19.37
C GLY A 182 8.37 33.96 18.04
N GLY A 183 9.62 33.77 17.60
CA GLY A 183 10.01 34.36 16.34
C GLY A 183 10.96 35.48 16.66
N GLU A 184 11.01 36.53 15.85
CA GLU A 184 11.92 37.64 16.13
C GLU A 184 11.45 38.85 15.34
N VAL A 185 11.87 40.05 15.71
CA VAL A 185 11.50 41.21 14.90
C VAL A 185 12.79 41.90 14.48
N ARG A 186 12.88 42.31 13.21
CA ARG A 186 14.09 43.01 12.75
C ARG A 186 13.77 44.05 11.70
N ARG A 187 14.78 44.84 11.38
CA ARG A 187 14.62 45.82 10.32
C ARG A 187 15.31 45.18 9.08
N VAL A 188 14.51 44.88 8.07
CA VAL A 188 14.94 44.26 6.81
C VAL A 188 15.92 45.08 6.00
N GLN A 189 17.06 44.48 5.67
CA GLN A 189 18.07 45.18 4.88
C GLN A 189 18.28 44.55 3.50
N LYS A 190 17.93 43.26 3.37
CA LYS A 190 18.07 42.54 2.09
C LYS A 190 16.73 41.85 1.81
N VAL A 191 16.34 41.90 0.55
CA VAL A 191 15.12 41.29 0.12
C VAL A 191 15.34 40.46 -1.10
N GLN A 192 14.92 39.21 -1.03
CA GLN A 192 15.10 38.34 -2.18
C GLN A 192 13.89 37.50 -2.54
N THR A 193 13.90 37.18 -3.83
CA THR A 193 12.92 36.38 -4.52
C THR A 193 13.46 34.94 -4.56
N GLU A 194 12.56 33.98 -4.54
CA GLU A 194 12.94 32.58 -4.60
C GLU A 194 13.75 32.28 -5.85
N GLN A 195 13.34 32.85 -6.96
CA GLN A 195 14.06 32.68 -8.22
C GLN A 195 15.53 33.15 -8.10
N GLU A 196 15.75 34.24 -7.36
CA GLU A 196 17.10 34.73 -7.22
C GLU A 196 17.84 33.79 -6.28
N VAL A 197 17.21 33.23 -5.28
CA VAL A 197 18.00 32.33 -4.46
C VAL A 197 18.37 31.07 -5.30
N ALA A 198 17.48 30.67 -6.18
CA ALA A 198 17.75 29.50 -7.01
C ALA A 198 18.93 29.70 -7.96
N GLU A 199 18.95 30.87 -8.59
CA GLU A 199 20.01 31.17 -9.55
C GLU A 199 21.38 31.24 -8.87
N ALA A 200 21.37 31.51 -7.57
CA ALA A 200 22.56 31.59 -6.75
C ALA A 200 22.98 30.17 -6.36
N ALA A 201 22.06 29.24 -6.54
CA ALA A 201 22.35 27.86 -6.17
C ALA A 201 22.69 27.07 -7.42
N GLY A 202 22.73 27.77 -8.56
CA GLY A 202 23.05 27.10 -9.81
C GLY A 202 21.84 26.41 -10.42
N MSE A 203 20.67 26.58 -9.82
CA MSE A 203 19.47 25.97 -10.32
C MSE A 203 18.61 26.85 -11.23
O MSE A 203 18.67 28.08 -11.20
CB MSE A 203 18.61 25.46 -9.15
CG MSE A 203 19.15 24.23 -8.49
SE MSE A 203 18.50 23.99 -6.66
CE MSE A 203 16.96 22.99 -7.05
N ARG A 204 17.81 26.20 -12.06
CA ARG A 204 16.89 26.90 -12.92
C ARG A 204 15.65 27.01 -12.03
N TYR A 205 14.70 27.84 -12.45
CA TYR A 205 13.53 28.11 -11.61
C TYR A 205 12.25 28.06 -12.33
N PHE A 206 11.27 27.40 -11.74
CA PHE A 206 9.98 27.36 -12.40
C PHE A 206 8.93 27.33 -11.34
N ARG A 207 7.98 28.23 -11.47
CA ARG A 207 6.91 28.43 -10.53
C ARG A 207 5.52 28.02 -11.04
N ILE A 208 4.84 27.23 -10.22
CA ILE A 208 3.48 26.83 -10.50
C ILE A 208 2.76 27.24 -9.19
N ALA A 209 1.94 28.27 -9.28
CA ALA A 209 1.21 28.78 -8.11
C ALA A 209 0.04 27.92 -7.65
N ALA A 210 0.32 26.90 -6.83
CA ALA A 210 -0.74 26.01 -6.36
C ALA A 210 -1.11 26.25 -4.92
N THR A 211 -2.42 26.21 -4.68
CA THR A 211 -2.97 26.42 -3.39
C THR A 211 -2.70 25.24 -2.53
N ASP A 212 -2.36 25.53 -1.29
CA ASP A 212 -1.99 24.55 -0.31
C ASP A 212 -2.71 23.27 0.05
N HIS A 213 -3.92 23.20 0.50
CA HIS A 213 -4.24 21.77 0.79
C HIS A 213 -5.21 21.13 -0.19
N VAL A 214 -5.15 21.55 -1.43
CA VAL A 214 -6.10 21.09 -2.41
C VAL A 214 -5.51 20.53 -3.69
N TRP A 215 -6.36 19.91 -4.49
CA TRP A 215 -6.00 19.32 -5.78
C TRP A 215 -5.55 20.46 -6.71
N PRO A 216 -4.39 20.34 -7.31
CA PRO A 216 -4.04 21.46 -8.18
C PRO A 216 -5.13 21.75 -9.20
N THR A 217 -5.25 23.01 -9.64
CA THR A 217 -6.24 23.42 -10.65
C THR A 217 -5.97 23.09 -12.12
N PRO A 218 -7.00 23.17 -12.95
CA PRO A 218 -6.72 22.88 -14.37
C PRO A 218 -5.63 23.83 -14.92
N GLU A 219 -5.59 25.07 -14.44
CA GLU A 219 -4.59 26.05 -14.87
C GLU A 219 -3.22 25.57 -14.42
N ASN A 220 -3.12 25.14 -13.18
CA ASN A 220 -1.84 24.69 -12.65
C ASN A 220 -1.28 23.56 -13.49
N ILE A 221 -2.08 22.52 -13.71
CA ILE A 221 -1.65 21.34 -14.42
C ILE A 221 -1.41 21.59 -15.88
N ASP A 222 -2.20 22.47 -16.49
CA ASP A 222 -1.94 22.78 -17.89
C ASP A 222 -0.55 23.44 -17.94
N ARG A 223 -0.27 24.27 -16.95
CA ARG A 223 1.02 24.95 -17.01
C ARG A 223 2.20 24.03 -16.82
N PHE A 224 2.08 23.05 -15.94
CA PHE A 224 3.12 22.05 -15.69
C PHE A 224 3.26 21.11 -16.95
N LEU A 225 2.15 20.87 -17.65
CA LEU A 225 2.20 20.01 -18.83
C LEU A 225 2.95 20.67 -19.97
N ALA A 226 2.75 21.97 -20.15
CA ALA A 226 3.44 22.67 -21.20
C ALA A 226 4.98 22.76 -20.93
N PHE A 227 5.36 23.03 -19.70
CA PHE A 227 6.77 23.09 -19.31
C PHE A 227 7.37 21.67 -19.38
N TYR A 228 6.60 20.69 -18.96
CA TYR A 228 7.13 19.34 -18.99
C TYR A 228 7.50 18.94 -20.42
N ARG A 229 6.65 19.32 -21.38
CA ARG A 229 6.87 18.97 -22.79
C ARG A 229 8.04 19.67 -23.41
N THR A 230 8.60 20.65 -22.75
CA THR A 230 9.74 21.31 -23.36
C THR A 230 11.01 20.97 -22.64
N LEU A 231 10.93 20.12 -21.65
CA LEU A 231 12.12 19.76 -20.93
C LEU A 231 13.26 19.01 -21.67
N PRO A 232 14.51 19.34 -21.33
CA PRO A 232 15.71 18.71 -21.89
C PRO A 232 15.56 17.27 -21.41
N GLN A 233 15.93 16.30 -22.23
CA GLN A 233 15.77 14.89 -21.84
C GLN A 233 16.47 14.58 -20.53
N ASP A 234 17.54 15.30 -20.23
CA ASP A 234 18.26 15.06 -18.99
C ASP A 234 17.96 16.04 -17.86
N ALA A 235 16.84 16.76 -17.91
CA ALA A 235 16.53 17.71 -16.84
C ALA A 235 16.21 16.96 -15.55
N TRP A 236 16.47 17.57 -14.39
CA TRP A 236 16.21 16.98 -13.11
C TRP A 236 15.27 17.89 -12.39
N LEU A 237 14.11 17.38 -12.03
CA LEU A 237 13.14 18.25 -11.38
C LEU A 237 13.10 18.12 -9.85
N HIS A 238 13.41 19.24 -9.15
CA HIS A 238 13.33 19.32 -7.68
C HIS A 238 12.07 20.10 -7.21
N PHE A 239 11.01 19.35 -6.88
CA PHE A 239 9.78 19.95 -6.38
C PHE A 239 9.82 20.29 -4.85
N HIS A 240 9.14 21.36 -4.44
CA HIS A 240 9.03 21.70 -3.02
C HIS A 240 7.81 22.55 -2.79
N CYS A 241 7.22 22.42 -1.58
CA CYS A 241 6.07 23.22 -1.19
C CYS A 241 6.41 23.79 0.19
N GLU A 242 5.44 24.07 1.06
CA GLU A 242 5.83 24.60 2.36
C GLU A 242 6.47 23.46 3.16
N ALA A 243 5.72 22.40 3.49
CA ALA A 243 6.30 21.28 4.24
C ALA A 243 6.83 20.19 3.32
N GLY A 244 6.51 20.23 2.03
CA GLY A 244 7.02 19.22 1.13
C GLY A 244 6.31 17.89 1.13
N VAL A 245 5.04 17.88 1.58
CA VAL A 245 4.25 16.66 1.61
C VAL A 245 3.21 16.57 0.51
N GLY A 246 2.11 17.31 0.65
CA GLY A 246 1.00 17.24 -0.32
C GLY A 246 1.15 17.75 -1.74
N ARG A 247 1.41 19.05 -1.90
CA ARG A 247 1.54 19.56 -3.23
C ARG A 247 2.75 18.90 -3.89
N THR A 248 3.89 18.82 -3.21
CA THR A 248 5.04 18.21 -3.89
C THR A 248 4.85 16.74 -4.28
N THR A 249 4.29 15.91 -3.39
CA THR A 249 4.05 14.56 -3.84
C THR A 249 3.03 14.57 -4.99
N ALA A 250 2.05 15.47 -4.99
CA ALA A 250 1.09 15.42 -6.10
C ALA A 250 1.79 15.57 -7.45
N PHE A 251 2.75 16.49 -7.51
CA PHE A 251 3.45 16.72 -8.76
C PHE A 251 4.51 15.64 -9.02
N MSE A 252 5.10 15.11 -7.96
CA MSE A 252 6.04 14.06 -8.20
C MSE A 252 5.30 12.88 -8.81
O MSE A 252 5.84 12.21 -9.71
CB MSE A 252 6.73 13.65 -6.90
CG MSE A 252 7.75 14.69 -6.36
SE MSE A 252 8.53 14.09 -4.71
CE MSE A 252 10.14 13.25 -5.41
N VAL A 253 4.07 12.64 -8.36
CA VAL A 253 3.31 11.51 -8.88
C VAL A 253 2.92 11.72 -10.34
N MSE A 254 2.45 12.92 -10.72
CA MSE A 254 2.09 13.13 -12.12
C MSE A 254 3.31 13.07 -13.02
O MSE A 254 3.21 12.70 -14.17
CB MSE A 254 1.40 14.47 -12.34
CG MSE A 254 0.27 14.76 -11.37
SE MSE A 254 -0.63 16.49 -11.75
CE MSE A 254 -2.31 15.81 -12.14
N THR A 255 4.49 13.41 -12.50
CA THR A 255 5.63 13.35 -13.37
C THR A 255 5.90 11.88 -13.49
N ASP A 256 5.74 11.10 -12.41
CA ASP A 256 5.97 9.63 -12.51
C ASP A 256 4.97 9.06 -13.53
N MSE A 257 3.70 9.38 -13.37
CA MSE A 257 2.72 8.90 -14.33
C MSE A 257 3.10 9.32 -15.72
O MSE A 257 3.31 8.47 -16.59
CB MSE A 257 1.34 9.45 -14.02
CG MSE A 257 0.99 9.37 -12.55
SE MSE A 257 -0.88 9.60 -12.37
CE MSE A 257 -1.14 8.51 -10.82
N LEU A 258 3.22 10.63 -15.92
CA LEU A 258 3.59 11.17 -17.23
C LEU A 258 4.78 10.47 -17.90
N LYS A 259 5.90 10.30 -17.20
CA LYS A 259 7.11 9.66 -17.76
C LYS A 259 7.17 8.08 -17.79
N ASN A 260 6.33 7.43 -16.98
CA ASN A 260 6.29 5.96 -16.99
C ASN A 260 4.83 5.55 -17.11
N PRO A 261 4.16 5.98 -18.18
CA PRO A 261 2.76 5.65 -18.35
C PRO A 261 2.52 4.17 -18.36
N SER A 262 3.61 3.42 -18.45
CA SER A 262 3.59 1.94 -18.50
C SER A 262 3.34 1.27 -17.18
N VAL A 263 3.68 1.94 -16.09
CA VAL A 263 3.52 1.27 -14.85
C VAL A 263 2.21 1.58 -14.19
N SER A 264 1.75 0.63 -13.37
CA SER A 264 0.45 0.78 -12.73
C SER A 264 0.21 1.82 -11.60
N LEU A 265 -1.00 2.37 -11.59
CA LEU A 265 -1.43 3.34 -10.58
C LEU A 265 -0.94 2.85 -9.24
N LYS A 266 -1.18 1.58 -8.93
CA LYS A 266 -0.75 1.05 -7.64
C LYS A 266 0.72 1.28 -7.37
N ASP A 267 1.60 0.78 -8.23
CA ASP A 267 3.04 0.96 -8.07
C ASP A 267 3.48 2.43 -7.93
N ILE A 268 2.91 3.32 -8.74
CA ILE A 268 3.33 4.71 -8.64
C ILE A 268 2.91 5.25 -7.27
N LEU A 269 1.65 5.03 -6.91
CA LEU A 269 1.18 5.47 -5.62
C LEU A 269 1.98 4.86 -4.44
N TYR A 270 2.23 3.55 -4.43
CA TYR A 270 3.00 2.94 -3.33
C TYR A 270 4.41 3.43 -3.30
N ARG A 271 4.90 3.64 -4.51
CA ARG A 271 6.26 4.09 -4.82
C ARG A 271 6.57 5.45 -4.21
N GLN A 272 5.82 6.46 -4.62
CA GLN A 272 6.04 7.81 -4.12
C GLN A 272 5.81 7.94 -2.61
N HIS A 273 5.07 7.02 -2.03
CA HIS A 273 4.86 7.10 -0.61
C HIS A 273 6.03 6.45 0.11
N GLU A 274 6.50 5.33 -0.42
CA GLU A 274 7.57 4.62 0.26
C GLU A 274 8.97 5.17 0.21
N ILE A 275 9.15 6.28 -0.48
CA ILE A 275 10.48 6.91 -0.50
C ILE A 275 10.30 8.20 0.30
N GLY A 276 9.18 8.34 1.02
CA GLY A 276 8.99 9.52 1.85
C GLY A 276 7.91 10.56 1.53
N GLY A 277 7.00 10.22 0.64
CA GLY A 277 5.98 11.19 0.30
C GLY A 277 4.67 10.68 0.86
N PHE A 278 3.63 11.33 0.42
CA PHE A 278 2.27 11.02 0.82
C PHE A 278 1.74 9.85 0.01
N TYR A 279 0.70 9.19 0.51
CA TYR A 279 0.02 8.13 -0.23
C TYR A 279 -1.25 8.75 -0.80
N TYR A 280 -1.35 8.78 -2.11
CA TYR A 280 -2.48 9.37 -2.78
C TYR A 280 -3.62 8.44 -3.24
N GLY A 281 -3.64 7.20 -2.78
CA GLY A 281 -4.72 6.29 -3.14
C GLY A 281 -5.74 6.39 -2.05
N GLU A 282 -6.86 5.68 -2.12
CA GLU A 282 -7.86 5.80 -1.04
C GLU A 282 -7.28 5.24 0.25
N PHE A 283 -7.62 5.85 1.39
CA PHE A 283 -7.21 5.39 2.69
C PHE A 283 -8.24 5.94 3.67
N PRO A 284 -8.21 5.49 4.94
CA PRO A 284 -9.20 6.02 5.89
C PRO A 284 -8.77 7.37 6.49
N ILE A 285 -9.43 8.42 6.02
CA ILE A 285 -9.19 9.80 6.42
C ILE A 285 -9.53 10.16 7.86
N LYS A 286 -8.51 10.42 8.64
CA LYS A 286 -8.71 10.77 10.02
C LYS A 286 -8.23 12.23 10.25
N THR A 287 -9.04 13.11 10.83
CA THR A 287 -8.57 14.48 11.08
C THR A 287 -8.79 14.90 12.52
N LYS A 288 -8.08 15.96 12.95
CA LYS A 288 -8.25 16.55 14.30
C LYS A 288 -9.58 17.33 14.29
N ASP A 289 -10.14 17.68 15.42
CA ASP A 289 -11.41 18.41 15.30
C ASP A 289 -11.23 19.71 14.51
N LYS A 290 -10.13 20.40 14.78
CA LYS A 290 -9.77 21.64 14.08
C LYS A 290 -9.73 21.52 12.54
N ASP A 291 -9.25 20.38 12.03
CA ASP A 291 -9.16 20.20 10.60
C ASP A 291 -10.28 19.52 9.81
N SER A 292 -11.49 19.41 10.36
CA SER A 292 -12.57 18.71 9.64
C SER A 292 -12.78 19.18 8.20
N TRP A 293 -12.49 20.47 7.98
CA TRP A 293 -12.65 21.06 6.68
C TRP A 293 -11.78 20.37 5.61
N LYS A 294 -10.68 19.71 6.03
CA LYS A 294 -9.77 19.07 5.08
C LYS A 294 -10.33 17.78 4.44
N THR A 295 -11.08 17.01 5.22
CA THR A 295 -11.62 15.77 4.70
C THR A 295 -12.07 15.79 3.19
N LYS A 296 -12.96 16.70 2.82
CA LYS A 296 -13.41 16.65 1.44
C LYS A 296 -12.28 16.86 0.41
N TYR A 297 -11.27 17.65 0.77
CA TYR A 297 -10.17 17.84 -0.15
C TYR A 297 -9.29 16.60 -0.18
N TYR A 298 -9.32 15.81 0.89
CA TYR A 298 -8.52 14.57 0.85
C TYR A 298 -9.23 13.59 -0.11
N ARG A 299 -10.56 13.45 0.02
CA ARG A 299 -11.38 12.59 -0.86
C ARG A 299 -11.34 13.05 -2.34
N GLU A 300 -11.34 14.36 -2.56
CA GLU A 300 -11.33 14.92 -3.89
C GLU A 300 -9.97 14.65 -4.54
N LYS A 301 -8.90 14.69 -3.74
CA LYS A 301 -7.57 14.43 -4.27
C LYS A 301 -7.53 12.95 -4.74
N ILE A 302 -8.12 12.06 -3.98
CA ILE A 302 -8.10 10.67 -4.35
C ILE A 302 -8.78 10.41 -5.75
N VAL A 303 -9.84 11.16 -6.01
CA VAL A 303 -10.58 11.02 -7.23
C VAL A 303 -9.86 11.62 -8.40
N MSE A 304 -9.34 12.84 -8.22
CA MSE A 304 -8.64 13.49 -9.30
C MSE A 304 -7.32 12.83 -9.73
O MSE A 304 -7.03 12.79 -10.94
CB MSE A 304 -8.43 14.95 -8.98
CG MSE A 304 -9.71 15.70 -8.78
SE MSE A 304 -10.88 15.43 -10.26
CE MSE A 304 -9.84 16.46 -11.56
N ILE A 305 -6.57 12.28 -8.77
CA ILE A 305 -5.31 11.66 -9.13
C ILE A 305 -5.53 10.40 -9.99
N GLU A 306 -6.67 9.73 -9.83
CA GLU A 306 -7.01 8.56 -10.67
C GLU A 306 -7.51 9.03 -12.04
N GLN A 307 -8.21 10.17 -12.08
CA GLN A 307 -8.68 10.78 -13.32
C GLN A 307 -7.46 11.23 -14.11
N PHE A 308 -6.44 11.75 -13.41
CA PHE A 308 -5.23 12.18 -14.13
C PHE A 308 -4.49 10.96 -14.71
N TYR A 309 -4.49 9.83 -13.99
CA TYR A 309 -3.85 8.64 -14.53
C TYR A 309 -4.62 8.26 -15.78
N ARG A 310 -5.94 8.39 -15.70
CA ARG A 310 -6.84 8.04 -16.81
C ARG A 310 -6.47 8.91 -18.00
N TYR A 311 -6.23 10.20 -17.76
CA TYR A 311 -5.84 11.16 -18.81
C TYR A 311 -4.44 10.83 -19.40
N VAL A 312 -3.51 10.42 -18.53
CA VAL A 312 -2.21 10.06 -19.01
C VAL A 312 -2.44 8.89 -20.00
N GLN A 313 -3.18 7.86 -19.57
CA GLN A 313 -3.42 6.69 -20.43
C GLN A 313 -4.13 6.95 -21.75
N GLU A 314 -5.08 7.88 -21.77
CA GLU A 314 -5.84 8.16 -22.99
C GLU A 314 -5.32 9.25 -23.91
N ASN A 315 -4.12 9.76 -23.64
CA ASN A 315 -3.54 10.82 -24.46
C ASN A 315 -2.04 10.53 -24.54
N ARG A 316 -1.61 9.49 -23.86
CA ARG A 316 -0.21 9.14 -23.90
C ARG A 316 0.12 8.87 -25.36
N ALA A 317 -0.70 8.08 -26.04
CA ALA A 317 -0.44 7.75 -27.44
C ALA A 317 -0.54 8.98 -28.29
N ASP A 318 -1.74 9.57 -28.24
CA ASP A 318 -2.11 10.83 -28.90
C ASP A 318 -0.86 11.75 -28.75
N GLY A 319 -1.00 13.06 -28.72
CA GLY A 319 0.24 13.80 -28.53
C GLY A 319 0.22 14.62 -27.26
N TYR A 320 -0.45 14.10 -26.21
CA TYR A 320 -0.67 14.82 -24.95
C TYR A 320 -0.98 16.19 -25.58
N GLN A 321 -1.53 16.13 -26.79
CA GLN A 321 -1.89 17.31 -27.58
C GLN A 321 -2.88 18.06 -26.74
N THR A 322 -4.04 17.42 -26.64
CA THR A 322 -5.18 17.88 -25.88
C THR A 322 -4.75 18.13 -24.46
N PRO A 323 -4.86 19.38 -23.99
CA PRO A 323 -4.45 19.66 -22.61
C PRO A 323 -5.39 19.08 -21.55
N TRP A 324 -4.84 18.86 -20.37
CA TRP A 324 -5.62 18.31 -19.30
C TRP A 324 -6.94 19.08 -19.17
N SER A 325 -6.89 20.41 -19.26
CA SER A 325 -8.12 21.15 -19.09
C SER A 325 -9.18 20.92 -20.14
N VAL A 326 -8.83 20.74 -21.39
CA VAL A 326 -9.85 20.50 -22.42
C VAL A 326 -10.40 19.09 -22.27
N TRP A 327 -9.52 18.15 -21.88
CA TRP A 327 -9.93 16.76 -21.69
C TRP A 327 -10.79 16.64 -20.45
N LEU A 328 -10.40 17.33 -19.37
CA LEU A 328 -11.18 17.26 -18.14
C LEU A 328 -12.59 17.72 -18.41
N LYS A 329 -12.71 18.76 -19.23
CA LYS A 329 -14.02 19.30 -19.51
C LYS A 329 -15.00 18.30 -20.16
N SER A 330 -14.52 17.42 -21.05
CA SER A 330 -15.42 16.43 -21.66
C SER A 330 -15.31 14.99 -21.11
N HIS A 331 -14.60 14.84 -19.99
CA HIS A 331 -14.38 13.58 -19.27
C HIS A 331 -14.40 13.85 -17.78
N PRO A 332 -15.47 14.50 -17.30
CA PRO A 332 -15.62 14.83 -15.89
C PRO A 332 -15.50 13.62 -14.97
N ALA A 333 -14.97 13.86 -13.79
CA ALA A 333 -14.87 12.79 -12.84
C ALA A 333 -16.16 12.89 -12.09
N LYS A 334 -16.44 11.87 -11.30
CA LYS A 334 -17.62 11.89 -10.48
C LYS A 334 -17.08 11.57 -9.08
N ALA A 335 -17.71 12.15 -8.07
CA ALA A 335 -17.35 12.01 -6.63
C ALA A 335 -17.34 10.59 -5.98
N THR B 25 17.81 -0.64 -41.33
CA THR B 25 17.48 0.62 -40.58
C THR B 25 17.38 0.22 -39.09
N GLU B 26 16.22 0.18 -38.46
CA GLU B 26 16.14 -0.18 -37.04
C GLU B 26 17.37 -0.89 -36.41
N PRO B 27 17.73 -0.49 -35.20
CA PRO B 27 18.88 -1.15 -34.55
C PRO B 27 18.54 -2.60 -34.20
N VAL B 28 19.55 -3.44 -34.11
CA VAL B 28 19.36 -4.84 -33.76
C VAL B 28 18.51 -4.85 -32.48
N GLY B 29 17.47 -5.67 -32.45
CA GLY B 29 16.59 -5.72 -31.31
C GLY B 29 15.26 -5.04 -31.65
N SER B 30 15.28 -4.16 -32.65
CA SER B 30 14.06 -3.46 -33.04
C SER B 30 13.63 -3.58 -34.51
N TYR B 31 14.09 -4.66 -35.14
CA TYR B 31 13.73 -5.00 -36.51
C TYR B 31 12.24 -5.03 -36.69
N ALA B 32 11.56 -5.68 -35.78
CA ALA B 32 10.12 -5.79 -35.89
C ALA B 32 9.48 -4.41 -36.02
N ARG B 33 10.15 -3.39 -35.49
CA ARG B 33 9.65 -2.02 -35.57
C ARG B 33 9.48 -1.47 -36.99
N ALA B 34 9.95 -2.18 -37.98
CA ALA B 34 9.81 -1.72 -39.36
C ALA B 34 8.58 -2.30 -40.06
N GLU B 35 7.89 -3.24 -39.43
CA GLU B 35 6.73 -3.90 -40.03
C GLU B 35 5.51 -3.03 -39.88
N ARG B 36 4.47 -3.29 -40.66
CA ARG B 36 3.25 -2.50 -40.57
C ARG B 36 2.05 -3.28 -40.06
N PRO B 37 1.61 -3.02 -38.80
CA PRO B 37 0.46 -3.70 -38.17
C PRO B 37 -0.82 -3.74 -39.02
N GLN B 38 -1.04 -2.74 -39.86
CA GLN B 38 -2.22 -2.74 -40.70
C GLN B 38 -2.25 -3.96 -41.64
N ASP B 39 -1.09 -4.60 -41.86
CA ASP B 39 -1.05 -5.77 -42.73
C ASP B 39 -1.23 -7.07 -41.95
N PHE B 40 -1.39 -6.99 -40.65
CA PHE B 40 -1.59 -8.22 -39.95
C PHE B 40 -2.74 -8.23 -38.97
N GLU B 41 -3.81 -7.48 -39.22
CA GLU B 41 -4.94 -7.49 -38.27
C GLU B 41 -5.56 -8.91 -38.15
N GLY B 42 -5.96 -9.25 -36.93
CA GLY B 42 -6.50 -10.56 -36.65
C GLY B 42 -7.73 -10.84 -37.43
N PHE B 43 -8.05 -12.13 -37.63
CA PHE B 43 -9.21 -12.52 -38.42
C PHE B 43 -9.90 -13.79 -38.03
N VAL B 44 -9.41 -14.50 -37.02
CA VAL B 44 -10.12 -15.69 -36.65
C VAL B 44 -9.72 -16.09 -35.23
N TRP B 45 -10.61 -16.71 -34.48
CA TRP B 45 -10.29 -17.18 -33.14
C TRP B 45 -9.52 -18.53 -33.27
N ARG B 46 -8.23 -18.50 -33.05
CA ARG B 46 -7.41 -19.68 -33.09
C ARG B 46 -7.64 -20.63 -31.87
N LEU B 47 -7.60 -21.95 -32.05
CA LEU B 47 -7.69 -22.86 -30.91
C LEU B 47 -6.25 -22.97 -30.41
N ASP B 48 -6.05 -22.56 -29.16
CA ASP B 48 -4.75 -22.61 -28.52
C ASP B 48 -4.36 -24.03 -28.08
N ASN B 49 -5.30 -24.83 -27.64
CA ASN B 49 -5.02 -26.20 -27.20
C ASN B 49 -6.30 -26.97 -27.40
N ASP B 50 -6.21 -28.28 -27.66
CA ASP B 50 -7.39 -29.15 -27.85
C ASP B 50 -7.97 -29.70 -26.54
N GLY B 51 -7.14 -29.80 -25.51
CA GLY B 51 -7.61 -30.27 -24.23
C GLY B 51 -7.54 -31.75 -23.97
N LYS B 52 -7.24 -32.54 -24.99
CA LYS B 52 -7.12 -34.00 -24.89
C LYS B 52 -6.12 -34.44 -23.82
N GLU B 53 -4.97 -33.79 -23.82
CA GLU B 53 -3.91 -34.10 -22.86
C GLU B 53 -4.17 -33.58 -21.44
N ALA B 54 -3.47 -34.18 -20.47
CA ALA B 54 -3.62 -33.80 -19.06
C ALA B 54 -2.82 -32.53 -18.79
N LEU B 55 -1.63 -32.47 -19.40
CA LEU B 55 -0.69 -31.40 -19.28
C LEU B 55 -0.61 -30.70 -20.62
N PRO B 56 -0.11 -29.48 -20.66
CA PRO B 56 -0.03 -28.81 -21.98
C PRO B 56 1.34 -29.21 -22.62
N ARG B 57 1.55 -28.86 -23.88
CA ARG B 57 2.82 -29.17 -24.58
C ARG B 57 4.01 -28.46 -24.01
N ASN B 58 5.16 -29.13 -24.15
CA ASN B 58 6.47 -28.66 -23.76
C ASN B 58 6.58 -28.26 -22.32
N PHE B 59 5.95 -29.05 -21.46
CA PHE B 59 5.98 -28.78 -20.04
C PHE B 59 7.33 -29.23 -19.51
N ARG B 60 8.05 -28.34 -18.85
CA ARG B 60 9.35 -28.67 -18.34
C ARG B 60 9.61 -27.83 -17.12
N THR B 61 10.59 -28.26 -16.35
CA THR B 61 10.99 -27.60 -15.12
C THR B 61 12.49 -27.49 -15.07
N SER B 62 13.00 -26.53 -14.30
CA SER B 62 14.43 -26.34 -14.13
C SER B 62 14.92 -27.41 -13.17
N ALA B 63 14.02 -28.29 -12.77
CA ALA B 63 14.36 -29.39 -11.86
C ALA B 63 14.59 -30.69 -12.61
N ASP B 64 14.19 -30.71 -13.87
CA ASP B 64 14.28 -31.87 -14.76
C ASP B 64 15.69 -32.32 -15.14
N ALA B 65 15.84 -33.58 -15.50
CA ALA B 65 17.14 -34.06 -15.91
C ALA B 65 17.38 -33.66 -17.36
N LEU B 66 18.65 -33.51 -17.75
CA LEU B 66 18.96 -33.13 -19.11
C LEU B 66 18.82 -34.31 -20.07
N ARG B 67 18.31 -34.01 -21.25
CA ARG B 67 18.14 -34.98 -22.32
C ARG B 67 19.05 -34.58 -23.49
N ALA B 68 19.28 -35.54 -24.39
CA ALA B 68 20.12 -35.33 -25.59
C ALA B 68 19.60 -34.11 -26.35
N PRO B 69 20.49 -33.29 -26.91
CA PRO B 69 19.88 -32.14 -27.62
C PRO B 69 19.12 -32.65 -28.78
N GLU B 70 18.20 -31.85 -29.34
CA GLU B 70 17.42 -32.26 -30.53
C GLU B 70 18.36 -32.08 -31.76
N LYS B 71 18.39 -33.05 -32.66
CA LYS B 71 19.25 -32.97 -33.84
C LYS B 71 19.20 -31.66 -34.67
N LYS B 72 18.01 -31.17 -35.00
CA LYS B 72 17.89 -29.97 -35.82
C LYS B 72 18.85 -28.84 -35.47
N PHE B 73 19.34 -28.77 -34.22
CA PHE B 73 20.27 -27.70 -33.79
C PHE B 73 21.80 -27.98 -33.97
N HIS B 74 22.14 -29.15 -34.47
CA HIS B 74 23.56 -29.43 -34.72
C HIS B 74 24.41 -29.13 -33.53
N LEU B 75 24.02 -29.61 -32.35
CA LEU B 75 24.87 -29.35 -31.17
C LEU B 75 25.71 -30.56 -30.82
N ASP B 76 26.45 -30.46 -29.73
CA ASP B 76 27.31 -31.56 -29.32
C ASP B 76 26.63 -32.44 -28.29
N ALA B 77 26.37 -33.68 -28.65
CA ALA B 77 25.65 -34.59 -27.75
C ALA B 77 26.48 -35.18 -26.65
N ALA B 78 27.75 -34.84 -26.59
CA ALA B 78 28.53 -35.42 -25.54
C ALA B 78 28.83 -34.31 -24.51
N TYR B 79 28.35 -33.09 -24.76
CA TYR B 79 28.63 -32.00 -23.80
C TYR B 79 27.77 -32.08 -22.52
N VAL B 80 28.40 -32.01 -21.36
CA VAL B 80 27.61 -32.09 -20.15
C VAL B 80 27.59 -30.79 -19.43
N PRO B 81 26.56 -29.98 -19.69
CA PRO B 81 26.33 -28.65 -19.10
C PRO B 81 26.36 -28.72 -17.58
N SER B 82 26.78 -27.61 -16.98
CA SER B 82 26.83 -27.49 -15.54
C SER B 82 25.38 -27.34 -15.13
N ARG B 83 25.03 -27.80 -13.93
CA ARG B 83 23.65 -27.65 -13.49
C ARG B 83 23.68 -26.63 -12.36
N GLU B 84 24.80 -25.91 -12.27
CA GLU B 84 24.95 -24.95 -11.20
C GLU B 84 23.78 -23.99 -11.12
N GLY B 85 23.20 -23.87 -9.93
CA GLY B 85 22.09 -22.98 -9.69
C GLY B 85 20.74 -23.54 -9.99
N MSE B 86 20.61 -24.37 -11.02
CA MSE B 86 19.32 -24.93 -11.38
C MSE B 86 18.35 -25.39 -10.24
O MSE B 86 17.13 -25.23 -10.35
CB MSE B 86 19.53 -26.08 -12.37
CG MSE B 86 19.95 -25.63 -13.79
SE MSE B 86 20.09 -27.19 -14.99
CE MSE B 86 18.19 -27.60 -15.14
N ASP B 87 18.88 -25.98 -9.19
CA ASP B 87 18.03 -26.41 -8.07
C ASP B 87 17.43 -25.20 -7.36
N ALA B 88 18.12 -24.08 -7.38
CA ALA B 88 17.55 -22.91 -6.73
C ALA B 88 16.69 -22.11 -7.72
N LEU B 89 16.91 -22.28 -9.04
CA LEU B 89 16.17 -21.53 -10.06
C LEU B 89 14.70 -21.44 -9.83
N HIS B 90 14.06 -22.60 -9.82
CA HIS B 90 12.62 -22.70 -9.64
C HIS B 90 11.79 -22.08 -10.75
N ILE B 91 11.98 -22.57 -11.97
CA ILE B 91 11.18 -22.09 -13.09
C ILE B 91 10.64 -23.24 -13.94
N SER B 92 9.72 -22.89 -14.83
CA SER B 92 9.12 -23.87 -15.71
C SER B 92 8.44 -23.11 -16.79
N GLY B 93 8.12 -23.84 -17.87
CA GLY B 93 7.47 -23.28 -19.02
C GLY B 93 6.61 -24.29 -19.74
N SER B 94 5.65 -23.80 -20.53
CA SER B 94 4.79 -24.67 -21.31
C SER B 94 4.16 -23.84 -22.39
N SER B 95 3.24 -24.46 -23.12
CA SER B 95 2.43 -23.85 -24.18
C SER B 95 1.09 -23.39 -23.53
N ALA B 96 0.18 -22.84 -24.34
CA ALA B 96 -1.13 -22.42 -23.81
C ALA B 96 -1.84 -23.67 -23.26
N PHE B 97 -2.85 -23.49 -22.43
CA PHE B 97 -3.52 -24.62 -21.79
C PHE B 97 -4.96 -24.34 -21.59
N THR B 98 -5.71 -25.40 -21.28
CA THR B 98 -7.14 -25.32 -20.99
C THR B 98 -7.15 -25.12 -19.48
N PRO B 99 -8.30 -24.68 -18.90
CA PRO B 99 -8.32 -24.47 -17.43
C PRO B 99 -8.05 -25.74 -16.59
N ALA B 100 -8.41 -26.88 -17.17
CA ALA B 100 -8.24 -28.20 -16.56
C ALA B 100 -6.77 -28.60 -16.61
N GLN B 101 -6.09 -28.26 -17.71
CA GLN B 101 -4.66 -28.55 -17.79
C GLN B 101 -3.88 -27.62 -16.84
N LEU B 102 -4.31 -26.37 -16.71
CA LEU B 102 -3.63 -25.44 -15.83
C LEU B 102 -3.71 -25.94 -14.41
N LYS B 103 -4.86 -26.49 -14.01
CA LYS B 103 -4.92 -26.98 -12.64
C LYS B 103 -3.98 -28.14 -12.43
N ASN B 104 -3.82 -28.99 -13.43
CA ASN B 104 -2.90 -30.10 -13.26
C ASN B 104 -1.44 -29.64 -13.19
N VAL B 105 -1.14 -28.52 -13.83
CA VAL B 105 0.21 -27.98 -13.79
C VAL B 105 0.50 -27.49 -12.42
N ALA B 106 -0.48 -26.81 -11.83
CA ALA B 106 -0.33 -26.26 -10.49
C ALA B 106 0.01 -27.39 -9.50
N ALA B 107 -0.74 -28.47 -9.50
CA ALA B 107 -0.51 -29.61 -8.62
C ALA B 107 0.86 -30.15 -8.81
N LYS B 108 1.32 -30.14 -10.05
CA LYS B 108 2.66 -30.67 -10.34
C LYS B 108 3.70 -29.70 -9.78
N LEU B 109 3.45 -28.40 -9.91
CA LEU B 109 4.42 -27.44 -9.41
C LEU B 109 4.40 -27.38 -7.87
N ARG B 110 3.19 -27.50 -7.33
CA ARG B 110 2.91 -27.46 -5.89
C ARG B 110 3.71 -28.54 -5.16
N GLU B 111 4.08 -29.62 -5.84
CA GLU B 111 4.88 -30.70 -5.24
C GLU B 111 6.38 -30.48 -5.31
N LYS B 112 6.79 -29.30 -5.77
CA LYS B 112 8.20 -28.95 -5.90
C LYS B 112 8.54 -27.70 -5.13
N THR B 113 7.53 -27.00 -4.58
CA THR B 113 7.69 -25.79 -3.76
C THR B 113 6.54 -25.46 -2.82
N ALA B 114 6.85 -24.65 -1.82
CA ALA B 114 5.88 -24.22 -0.84
C ALA B 114 5.69 -22.73 -1.11
N GLY B 115 6.48 -22.23 -2.06
CA GLY B 115 6.41 -20.84 -2.42
C GLY B 115 5.28 -20.48 -3.40
N PRO B 116 5.05 -19.17 -3.59
CA PRO B 116 4.01 -18.64 -4.50
C PRO B 116 4.34 -18.93 -5.97
N ILE B 117 3.38 -19.53 -6.65
CA ILE B 117 3.55 -19.86 -8.04
C ILE B 117 2.90 -18.86 -8.94
N TYR B 118 3.70 -18.34 -9.83
CA TYR B 118 3.28 -17.33 -10.78
C TYR B 118 2.98 -17.86 -12.20
N ASP B 119 1.87 -17.39 -12.76
CA ASP B 119 1.57 -17.70 -14.13
C ASP B 119 2.00 -16.45 -14.92
N VAL B 120 3.20 -16.52 -15.49
CA VAL B 120 3.76 -15.46 -16.30
C VAL B 120 3.37 -15.60 -17.82
N ASP B 121 2.24 -15.02 -18.20
CA ASP B 121 1.65 -14.96 -19.54
C ASP B 121 2.53 -14.11 -20.45
N LEU B 122 3.19 -14.64 -21.45
CA LEU B 122 4.03 -13.77 -22.26
C LEU B 122 3.40 -13.42 -23.62
N ARG B 123 2.06 -13.43 -23.73
CA ARG B 123 1.41 -13.17 -25.00
C ARG B 123 0.78 -11.79 -25.23
N GLN B 124 1.24 -11.13 -26.31
CA GLN B 124 0.70 -9.84 -26.72
C GLN B 124 -0.61 -10.06 -27.49
N GLU B 125 -0.72 -11.18 -28.18
CA GLU B 125 -1.95 -11.39 -28.90
C GLU B 125 -3.10 -11.50 -27.90
N SER B 126 -4.30 -11.05 -28.28
CA SER B 126 -5.42 -11.13 -27.34
C SER B 126 -5.85 -12.60 -27.21
N HIS B 127 -5.98 -13.07 -25.98
CA HIS B 127 -6.44 -14.42 -25.82
C HIS B 127 -7.20 -14.54 -24.53
N GLY B 128 -7.96 -15.62 -24.42
CA GLY B 128 -8.77 -15.95 -23.25
C GLY B 128 -9.42 -17.34 -23.42
N TYR B 129 -10.56 -17.51 -22.74
CA TYR B 129 -11.33 -18.74 -22.74
C TYR B 129 -12.80 -18.46 -23.06
N LEU B 130 -13.31 -19.19 -24.04
CA LEU B 130 -14.68 -19.11 -24.51
C LEU B 130 -15.23 -20.46 -24.10
N ASP B 131 -16.21 -20.49 -23.20
CA ASP B 131 -16.76 -21.77 -22.74
C ASP B 131 -15.63 -22.70 -22.31
N GLY B 132 -14.58 -22.14 -21.74
CA GLY B 132 -13.49 -23.00 -21.31
C GLY B 132 -12.50 -23.37 -22.40
N ILE B 133 -12.78 -23.01 -23.66
CA ILE B 133 -11.86 -23.27 -24.73
C ILE B 133 -10.87 -22.11 -24.86
N PRO B 134 -9.55 -22.39 -24.69
CA PRO B 134 -8.48 -21.39 -24.80
C PRO B 134 -8.34 -20.94 -26.27
N VAL B 135 -8.55 -19.66 -26.54
CA VAL B 135 -8.50 -19.14 -27.91
C VAL B 135 -7.69 -17.86 -27.98
N SER B 136 -7.27 -17.46 -29.18
CA SER B 136 -6.52 -16.21 -29.33
C SER B 136 -6.95 -15.53 -30.61
N TRP B 137 -6.98 -14.19 -30.64
CA TRP B 137 -7.40 -13.50 -31.85
C TRP B 137 -6.21 -13.52 -32.79
N TYR B 138 -6.28 -14.40 -33.77
CA TYR B 138 -5.18 -14.62 -34.70
C TYR B 138 -5.06 -13.79 -35.99
N GLY B 139 -3.92 -13.15 -36.15
CA GLY B 139 -3.70 -12.39 -37.37
C GLY B 139 -2.58 -13.12 -38.07
N GLU B 140 -2.27 -12.80 -39.32
CA GLU B 140 -1.13 -13.47 -39.95
C GLU B 140 0.17 -13.28 -39.10
N ARG B 141 0.93 -14.37 -38.99
CA ARG B 141 2.19 -14.40 -38.20
C ARG B 141 1.88 -14.14 -36.72
N ASP B 142 0.61 -14.21 -36.34
CA ASP B 142 0.25 -14.00 -34.94
C ASP B 142 0.58 -12.57 -34.51
N TRP B 143 0.23 -11.58 -35.30
CA TRP B 143 0.62 -10.21 -34.99
C TRP B 143 -0.53 -9.25 -34.85
N ALA B 144 -1.68 -9.78 -34.43
CA ALA B 144 -2.85 -8.94 -34.28
C ALA B 144 -2.61 -7.78 -33.33
N ASN B 145 -1.57 -7.87 -32.53
CA ASN B 145 -1.39 -6.74 -31.65
C ASN B 145 -0.04 -6.08 -31.81
N LEU B 146 0.55 -6.18 -33.00
CA LEU B 146 1.87 -5.57 -33.29
C LEU B 146 1.80 -4.04 -33.28
N GLY B 147 2.73 -3.41 -32.57
CA GLY B 147 2.75 -1.96 -32.54
C GLY B 147 2.15 -1.37 -31.30
N LYS B 148 1.14 -2.06 -30.75
CA LYS B 148 0.44 -1.66 -29.52
C LYS B 148 1.26 -1.70 -28.18
N SER B 149 0.93 -0.78 -27.26
CA SER B 149 1.58 -0.72 -25.95
C SER B 149 0.93 -1.83 -25.16
N GLN B 150 1.56 -2.33 -24.10
CA GLN B 150 0.90 -3.41 -23.35
C GLN B 150 -0.53 -2.96 -23.05
N HIS B 151 -0.72 -1.70 -22.65
CA HIS B 151 -2.06 -1.18 -22.37
C HIS B 151 -3.10 -1.30 -23.55
N GLU B 152 -2.79 -0.87 -24.75
CA GLU B 152 -3.80 -1.04 -25.80
C GLU B 152 -4.12 -2.53 -26.03
N ALA B 153 -3.10 -3.36 -25.93
CA ALA B 153 -3.25 -4.80 -26.16
C ALA B 153 -4.34 -5.44 -25.29
N LEU B 154 -4.22 -5.21 -24.00
CA LEU B 154 -5.14 -5.78 -23.05
C LEU B 154 -6.53 -5.18 -23.19
N ALA B 155 -6.61 -3.88 -23.47
CA ALA B 155 -7.91 -3.25 -23.63
C ALA B 155 -8.58 -3.88 -24.84
N ASP B 156 -7.77 -4.24 -25.86
CA ASP B 156 -8.35 -4.88 -27.05
C ASP B 156 -8.85 -6.24 -26.65
N GLU B 157 -8.03 -6.96 -25.88
CA GLU B 157 -8.36 -8.29 -25.43
C GLU B 157 -9.54 -8.27 -24.49
N ARG B 158 -9.61 -7.28 -23.62
CA ARG B 158 -10.72 -7.20 -22.71
C ARG B 158 -11.94 -7.11 -23.60
N HIS B 159 -11.99 -6.04 -24.38
CA HIS B 159 -13.12 -5.79 -25.27
C HIS B 159 -13.58 -6.98 -26.13
N ARG B 160 -12.66 -7.60 -26.89
CA ARG B 160 -13.03 -8.74 -27.75
C ARG B 160 -13.66 -9.89 -26.99
N LEU B 161 -13.08 -10.25 -25.84
CA LEU B 161 -13.61 -11.35 -25.04
C LEU B 161 -15.05 -11.09 -24.60
N HIS B 162 -15.31 -9.86 -24.16
CA HIS B 162 -16.62 -9.49 -23.67
C HIS B 162 -17.63 -9.43 -24.76
N ALA B 163 -17.22 -8.99 -25.93
CA ALA B 163 -18.12 -8.88 -27.08
C ALA B 163 -18.51 -10.25 -27.63
N ALA B 164 -17.87 -11.32 -27.15
CA ALA B 164 -18.16 -12.65 -27.66
C ALA B 164 -19.24 -13.39 -26.84
N LEU B 165 -19.55 -12.89 -25.64
CA LEU B 165 -20.57 -13.54 -24.82
C LEU B 165 -21.95 -13.56 -25.54
N HIS B 166 -22.52 -14.77 -25.62
CA HIS B 166 -23.81 -15.04 -26.26
C HIS B 166 -23.82 -14.76 -27.75
N LYS B 167 -22.61 -14.61 -28.31
CA LYS B 167 -22.41 -14.39 -29.75
C LYS B 167 -21.98 -15.65 -30.48
N THR B 168 -22.09 -15.65 -31.80
CA THR B 168 -21.68 -16.83 -32.57
C THR B 168 -20.23 -16.62 -32.92
N VAL B 169 -19.40 -17.61 -32.63
CA VAL B 169 -17.98 -17.52 -32.93
C VAL B 169 -17.57 -18.77 -33.67
N TYR B 170 -16.47 -18.63 -34.41
CA TYR B 170 -15.90 -19.71 -35.17
C TYR B 170 -14.53 -19.93 -34.59
N ILE B 171 -14.33 -21.01 -33.82
CA ILE B 171 -13.00 -21.22 -33.30
C ILE B 171 -12.35 -22.29 -34.16
N ALA B 172 -11.08 -22.08 -34.45
CA ALA B 172 -10.45 -23.03 -35.34
C ALA B 172 -9.00 -23.37 -35.10
N PRO B 173 -8.61 -24.57 -35.49
CA PRO B 173 -7.20 -24.84 -35.27
C PRO B 173 -6.48 -24.49 -36.62
N LEU B 174 -5.21 -24.09 -36.56
CA LEU B 174 -4.49 -23.71 -37.77
C LEU B 174 -3.83 -24.91 -38.34
N GLY B 175 -3.96 -25.09 -39.64
CA GLY B 175 -3.31 -26.21 -40.25
C GLY B 175 -1.94 -25.72 -40.69
N LYS B 176 -1.53 -26.21 -41.85
CA LYS B 176 -0.26 -25.81 -42.42
C LYS B 176 -0.69 -24.61 -43.30
N HIS B 177 0.26 -23.70 -43.56
CA HIS B 177 -0.04 -22.47 -44.31
C HIS B 177 -0.72 -21.57 -43.26
N LYS B 178 -0.71 -22.05 -42.02
CA LYS B 178 -1.26 -21.38 -40.86
C LYS B 178 -2.56 -20.61 -41.12
N LEU B 179 -3.57 -21.32 -41.60
CA LEU B 179 -4.88 -20.72 -41.80
C LEU B 179 -5.81 -21.76 -41.19
N PRO B 180 -7.04 -21.36 -40.87
CA PRO B 180 -8.00 -22.30 -40.28
C PRO B 180 -8.19 -23.62 -41.07
N GLU B 181 -8.44 -24.71 -40.35
CA GLU B 181 -8.71 -26.05 -40.94
C GLU B 181 -9.78 -26.82 -40.08
N GLY B 182 -11.07 -26.68 -40.47
CA GLY B 182 -12.14 -27.31 -39.75
C GLY B 182 -12.43 -26.55 -38.46
N GLY B 183 -12.59 -27.26 -37.35
CA GLY B 183 -12.92 -26.59 -36.11
C GLY B 183 -14.41 -26.77 -35.77
N GLU B 184 -14.99 -25.77 -35.10
CA GLU B 184 -16.38 -25.80 -34.64
C GLU B 184 -17.01 -24.37 -34.54
N VAL B 185 -18.33 -24.26 -34.61
CA VAL B 185 -18.90 -22.94 -34.44
C VAL B 185 -19.95 -23.02 -33.36
N ARG B 186 -19.92 -22.10 -32.42
CA ARG B 186 -20.89 -22.09 -31.34
C ARG B 186 -21.23 -20.69 -30.80
N ARG B 187 -22.36 -20.61 -30.11
CA ARG B 187 -22.82 -19.41 -29.47
C ARG B 187 -22.25 -19.49 -28.03
N VAL B 188 -21.23 -18.69 -27.75
CA VAL B 188 -20.54 -18.73 -26.46
C VAL B 188 -21.43 -18.45 -25.26
N GLN B 189 -21.24 -19.16 -24.15
CA GLN B 189 -22.06 -18.97 -22.97
C GLN B 189 -21.26 -18.53 -21.74
N LYS B 190 -19.94 -18.67 -21.78
CA LYS B 190 -19.12 -18.25 -20.65
C LYS B 190 -17.75 -17.67 -21.10
N VAL B 191 -17.44 -16.47 -20.65
CA VAL B 191 -16.20 -15.84 -21.06
C VAL B 191 -15.29 -15.56 -19.86
N GLN B 192 -14.01 -15.89 -20.01
CA GLN B 192 -13.04 -15.69 -18.96
C GLN B 192 -11.69 -15.20 -19.50
N THR B 193 -10.97 -14.60 -18.56
CA THR B 193 -9.68 -14.01 -18.77
C THR B 193 -8.59 -14.94 -18.26
N GLU B 194 -7.40 -14.85 -18.84
CA GLU B 194 -6.29 -15.69 -18.40
C GLU B 194 -6.09 -15.44 -16.89
N GLN B 195 -6.12 -14.19 -16.49
CA GLN B 195 -5.96 -13.86 -15.11
C GLN B 195 -6.96 -14.63 -14.25
N GLU B 196 -8.18 -14.75 -14.76
CA GLU B 196 -9.24 -15.45 -14.04
C GLU B 196 -8.97 -16.92 -13.83
N VAL B 197 -8.57 -17.62 -14.90
CA VAL B 197 -8.33 -19.06 -14.86
C VAL B 197 -7.10 -19.33 -14.01
N ALA B 198 -6.11 -18.47 -14.11
CA ALA B 198 -4.87 -18.60 -13.34
C ALA B 198 -5.09 -18.38 -11.86
N GLU B 199 -5.77 -17.30 -11.53
CA GLU B 199 -6.00 -17.01 -10.12
C GLU B 199 -6.93 -18.04 -9.52
N ALA B 200 -7.67 -18.76 -10.34
CA ALA B 200 -8.61 -19.74 -9.83
C ALA B 200 -8.00 -21.10 -9.79
N ALA B 201 -6.69 -21.12 -9.90
CA ALA B 201 -6.04 -22.39 -9.89
C ALA B 201 -4.85 -22.39 -8.93
N GLY B 202 -4.76 -21.34 -8.12
CA GLY B 202 -3.69 -21.29 -7.14
C GLY B 202 -2.58 -20.30 -7.43
N MSE B 203 -2.55 -19.81 -8.68
CA MSE B 203 -1.51 -18.92 -9.15
C MSE B 203 -1.68 -17.41 -9.19
O MSE B 203 -2.78 -16.88 -9.33
CB MSE B 203 -1.10 -19.39 -10.53
CG MSE B 203 -0.62 -20.79 -10.51
SE MSE B 203 -0.72 -21.71 -12.22
CE MSE B 203 1.10 -21.39 -12.76
N ARG B 204 -0.56 -16.73 -9.04
CA ARG B 204 -0.49 -15.30 -9.12
C ARG B 204 -0.38 -15.03 -10.64
N TYR B 205 -0.70 -13.85 -11.07
CA TYR B 205 -0.68 -13.57 -12.50
C TYR B 205 0.11 -12.33 -12.88
N PHE B 206 0.96 -12.48 -13.88
CA PHE B 206 1.74 -11.38 -14.39
C PHE B 206 1.74 -11.46 -15.92
N ARG B 207 1.46 -10.34 -16.58
CA ARG B 207 1.42 -10.29 -18.04
C ARG B 207 2.60 -9.46 -18.61
N ILE B 208 3.20 -9.94 -19.71
CA ILE B 208 4.30 -9.22 -20.41
C ILE B 208 3.91 -9.43 -21.88
N ALA B 209 3.50 -8.37 -22.56
CA ALA B 209 3.01 -8.55 -23.92
C ALA B 209 4.07 -8.61 -24.97
N ALA B 210 4.67 -9.79 -25.11
CA ALA B 210 5.72 -9.99 -26.12
C ALA B 210 5.13 -10.52 -27.47
N THR B 211 5.56 -9.96 -28.60
CA THR B 211 5.11 -10.34 -29.94
C THR B 211 5.66 -11.73 -30.34
N ASP B 212 4.81 -12.62 -30.86
CA ASP B 212 5.18 -14.00 -31.21
C ASP B 212 6.48 -14.41 -31.93
N HIS B 213 7.06 -13.69 -32.88
CA HIS B 213 8.25 -14.38 -33.41
C HIS B 213 9.53 -13.59 -33.30
N VAL B 214 9.48 -12.51 -32.55
CA VAL B 214 10.62 -11.63 -32.49
C VAL B 214 11.22 -11.52 -31.13
N TRP B 215 12.39 -10.90 -31.06
CA TRP B 215 13.05 -10.73 -29.79
C TRP B 215 12.18 -9.83 -28.84
N PRO B 216 12.22 -10.06 -27.53
CA PRO B 216 11.35 -9.15 -26.80
C PRO B 216 11.88 -7.72 -26.88
N THR B 217 10.94 -6.78 -26.70
CA THR B 217 11.25 -5.37 -26.76
C THR B 217 11.88 -4.83 -25.50
N PRO B 218 12.49 -3.65 -25.62
CA PRO B 218 13.09 -3.07 -24.42
C PRO B 218 11.92 -2.81 -23.41
N GLU B 219 10.77 -2.36 -23.89
CA GLU B 219 9.67 -2.16 -22.93
C GLU B 219 9.42 -3.51 -22.17
N ASN B 220 9.26 -4.59 -22.95
CA ASN B 220 9.06 -5.96 -22.44
C ASN B 220 10.03 -6.38 -21.31
N ILE B 221 11.34 -6.44 -21.60
CA ILE B 221 12.38 -6.80 -20.61
C ILE B 221 12.44 -5.74 -19.48
N ASP B 222 12.44 -4.45 -19.84
CA ASP B 222 12.50 -3.39 -18.80
C ASP B 222 11.36 -3.82 -17.88
N ARG B 223 10.21 -4.17 -18.46
CA ARG B 223 9.10 -4.58 -17.61
C ARG B 223 9.36 -5.87 -16.80
N PHE B 224 10.08 -6.82 -17.39
CA PHE B 224 10.37 -8.06 -16.72
C PHE B 224 11.36 -7.91 -15.58
N LEU B 225 12.42 -7.15 -15.80
CA LEU B 225 13.41 -6.99 -14.76
C LEU B 225 12.80 -6.32 -13.51
N ALA B 226 11.80 -5.48 -13.69
CA ALA B 226 11.16 -4.82 -12.55
C ALA B 226 10.38 -5.86 -11.80
N PHE B 227 9.61 -6.65 -12.53
CA PHE B 227 8.87 -7.72 -11.87
C PHE B 227 9.90 -8.62 -11.15
N TYR B 228 10.99 -8.94 -11.83
CA TYR B 228 11.98 -9.80 -11.24
C TYR B 228 12.46 -9.32 -9.86
N ARG B 229 13.03 -8.12 -9.85
CA ARG B 229 13.59 -7.51 -8.66
C ARG B 229 12.61 -7.50 -7.51
N THR B 230 11.31 -7.51 -7.80
CA THR B 230 10.29 -7.51 -6.77
C THR B 230 9.86 -8.87 -6.21
N LEU B 231 10.33 -9.97 -6.80
CA LEU B 231 9.91 -11.32 -6.34
C LEU B 231 10.47 -11.79 -4.99
N PRO B 232 9.69 -12.59 -4.25
CA PRO B 232 10.12 -13.13 -2.95
C PRO B 232 11.16 -14.22 -3.27
N GLN B 233 12.12 -14.45 -2.38
CA GLN B 233 13.13 -15.46 -2.62
C GLN B 233 12.58 -16.82 -3.07
N ASP B 234 11.42 -17.21 -2.58
CA ASP B 234 10.83 -18.52 -2.89
C ASP B 234 9.80 -18.58 -4.03
N ALA B 235 9.72 -17.52 -4.81
CA ALA B 235 8.78 -17.43 -5.92
C ALA B 235 9.03 -18.46 -7.05
N TRP B 236 7.96 -19.11 -7.54
CA TRP B 236 8.07 -20.04 -8.64
C TRP B 236 7.44 -19.38 -9.89
N LEU B 237 8.19 -19.34 -10.99
CA LEU B 237 7.73 -18.73 -12.27
C LEU B 237 7.54 -19.74 -13.35
N HIS B 238 6.32 -19.78 -13.83
CA HIS B 238 5.93 -20.67 -14.93
C HIS B 238 5.56 -19.78 -16.08
N PHE B 239 6.44 -19.71 -17.05
CA PHE B 239 6.29 -18.94 -18.26
C PHE B 239 5.57 -19.82 -19.20
N HIS B 240 4.85 -19.22 -20.15
CA HIS B 240 4.12 -19.97 -21.19
C HIS B 240 3.77 -18.96 -22.26
N CYS B 241 3.70 -19.43 -23.50
CA CYS B 241 3.39 -18.58 -24.63
C CYS B 241 2.46 -19.43 -25.47
N GLU B 242 2.32 -19.21 -26.78
CA GLU B 242 1.43 -20.06 -27.55
C GLU B 242 1.94 -21.53 -27.60
N ALA B 243 3.07 -21.81 -28.24
CA ALA B 243 3.57 -23.19 -28.22
C ALA B 243 4.44 -22.99 -27.00
N GLY B 244 5.26 -23.94 -26.55
CA GLY B 244 6.06 -23.59 -25.37
C GLY B 244 7.53 -23.34 -25.69
N VAL B 245 7.79 -22.88 -26.92
CA VAL B 245 9.11 -22.71 -27.47
C VAL B 245 9.77 -21.34 -27.44
N GLY B 246 9.59 -20.57 -28.52
CA GLY B 246 10.20 -19.25 -28.66
C GLY B 246 10.17 -18.20 -27.57
N ARG B 247 8.98 -17.79 -27.13
CA ARG B 247 8.97 -16.75 -26.11
C ARG B 247 9.17 -17.28 -24.72
N THR B 248 8.60 -18.44 -24.35
CA THR B 248 8.85 -18.83 -22.97
C THR B 248 10.30 -19.19 -22.77
N THR B 249 10.98 -19.77 -23.76
CA THR B 249 12.38 -20.11 -23.56
C THR B 249 13.23 -18.82 -23.39
N ALA B 250 13.01 -17.81 -24.22
CA ALA B 250 13.80 -16.57 -24.10
C ALA B 250 13.79 -16.04 -22.67
N PHE B 251 12.58 -15.99 -22.08
CA PHE B 251 12.43 -15.51 -20.69
C PHE B 251 12.99 -16.46 -19.65
N MSE B 252 13.02 -17.76 -19.96
CA MSE B 252 13.61 -18.79 -19.07
C MSE B 252 15.18 -18.65 -19.12
O MSE B 252 15.89 -18.83 -18.15
CB MSE B 252 13.18 -20.21 -19.54
CG MSE B 252 11.87 -20.68 -18.96
SE MSE B 252 11.26 -22.39 -19.60
CE MSE B 252 11.96 -23.49 -18.10
N VAL B 253 15.71 -18.32 -20.29
CA VAL B 253 17.14 -18.12 -20.41
C VAL B 253 17.50 -16.86 -19.65
N MSE B 254 16.71 -15.81 -19.87
CA MSE B 254 16.98 -14.54 -19.22
C MSE B 254 17.03 -14.69 -17.74
O MSE B 254 18.00 -14.24 -17.13
CB MSE B 254 15.94 -13.47 -19.57
CG MSE B 254 16.44 -12.57 -20.70
SE MSE B 254 15.09 -11.46 -21.43
CE MSE B 254 16.21 -10.37 -22.50
N THR B 255 16.01 -15.34 -17.19
CA THR B 255 15.93 -15.56 -15.76
C THR B 255 17.08 -16.43 -15.25
N ASP B 256 17.45 -17.45 -15.99
CA ASP B 256 18.54 -18.31 -15.61
C ASP B 256 19.75 -17.45 -15.53
N MSE B 257 19.93 -16.55 -16.48
CA MSE B 257 21.12 -15.65 -16.46
C MSE B 257 21.16 -14.61 -15.30
O MSE B 257 22.21 -14.32 -14.72
CB MSE B 257 21.26 -14.85 -17.75
CG MSE B 257 20.99 -15.59 -19.02
SE MSE B 257 21.47 -14.57 -20.60
CE MSE B 257 22.07 -16.05 -21.66
N LEU B 258 20.02 -14.00 -14.99
CA LEU B 258 19.96 -13.02 -13.95
C LEU B 258 20.31 -13.69 -12.63
N LYS B 259 19.73 -14.87 -12.42
CA LYS B 259 19.85 -15.62 -11.19
C LYS B 259 21.15 -16.37 -10.98
N ASN B 260 21.75 -16.83 -12.09
CA ASN B 260 23.01 -17.54 -12.00
C ASN B 260 24.06 -16.89 -12.93
N PRO B 261 24.44 -15.61 -12.68
CA PRO B 261 25.43 -14.95 -13.55
C PRO B 261 26.77 -15.59 -13.67
N SER B 262 27.05 -16.55 -12.79
CA SER B 262 28.34 -17.26 -12.84
C SER B 262 28.41 -18.40 -13.86
N VAL B 263 27.29 -18.84 -14.42
CA VAL B 263 27.34 -19.91 -15.38
C VAL B 263 27.64 -19.36 -16.76
N SER B 264 28.33 -20.17 -17.56
CA SER B 264 28.73 -19.79 -18.94
C SER B 264 27.57 -19.63 -19.94
N LEU B 265 27.75 -18.79 -20.94
CA LEU B 265 26.69 -18.60 -21.92
C LEU B 265 26.35 -20.00 -22.45
N LYS B 266 27.38 -20.72 -22.87
CA LYS B 266 27.17 -22.03 -23.39
C LYS B 266 26.35 -22.89 -22.47
N ASP B 267 26.57 -22.81 -21.16
CA ASP B 267 25.82 -23.68 -20.29
C ASP B 267 24.37 -23.33 -20.13
N ILE B 268 24.02 -22.06 -20.27
CA ILE B 268 22.63 -21.66 -20.12
C ILE B 268 21.87 -22.10 -21.37
N LEU B 269 22.45 -21.76 -22.50
CA LEU B 269 21.82 -22.09 -23.74
C LEU B 269 21.54 -23.60 -23.84
N TYR B 270 22.56 -24.43 -23.61
CA TYR B 270 22.47 -25.90 -23.70
C TYR B 270 21.52 -26.53 -22.73
N ARG B 271 21.59 -26.01 -21.54
CA ARG B 271 20.83 -26.41 -20.35
C ARG B 271 19.34 -26.19 -20.58
N GLN B 272 18.95 -24.95 -20.85
CA GLN B 272 17.54 -24.66 -21.09
C GLN B 272 17.02 -25.45 -22.33
N HIS B 273 17.88 -25.74 -23.31
CA HIS B 273 17.41 -26.53 -24.45
C HIS B 273 17.19 -27.98 -23.99
N GLU B 274 18.18 -28.51 -23.31
CA GLU B 274 18.14 -29.87 -22.86
C GLU B 274 17.16 -30.25 -21.81
N ILE B 275 16.42 -29.30 -21.26
CA ILE B 275 15.39 -29.71 -20.31
C ILE B 275 14.09 -29.67 -21.11
N GLY B 276 14.19 -29.20 -22.37
CA GLY B 276 13.04 -29.17 -23.25
C GLY B 276 12.67 -27.89 -23.95
N GLY B 277 13.51 -26.87 -23.86
CA GLY B 277 13.22 -25.59 -24.49
C GLY B 277 13.82 -25.39 -25.87
N PHE B 278 13.81 -24.16 -26.39
CA PHE B 278 14.38 -23.89 -27.71
C PHE B 278 15.85 -23.70 -27.40
N TYR B 279 16.71 -23.72 -28.42
CA TYR B 279 18.12 -23.53 -28.22
C TYR B 279 18.48 -22.18 -28.82
N TYR B 280 18.88 -21.27 -27.94
CA TYR B 280 19.16 -19.90 -28.33
C TYR B 280 20.53 -19.46 -28.77
N GLY B 281 21.39 -20.42 -29.13
CA GLY B 281 22.73 -20.12 -29.62
C GLY B 281 22.67 -20.23 -31.15
N GLU B 282 23.78 -20.06 -31.86
CA GLU B 282 23.75 -20.14 -33.34
C GLU B 282 23.53 -21.56 -33.81
N PHE B 283 22.80 -21.71 -34.90
CA PHE B 283 22.51 -23.03 -35.50
C PHE B 283 22.10 -22.85 -36.94
N PRO B 284 22.04 -23.96 -37.69
CA PRO B 284 21.65 -23.93 -39.11
C PRO B 284 20.15 -23.69 -39.32
N ILE B 285 19.80 -22.42 -39.46
CA ILE B 285 18.41 -22.04 -39.59
C ILE B 285 17.95 -22.37 -41.00
N LYS B 286 16.84 -23.11 -41.14
CA LYS B 286 16.25 -23.44 -42.45
C LYS B 286 14.70 -23.27 -42.39
N THR B 287 14.09 -22.76 -43.45
CA THR B 287 12.63 -22.57 -43.47
C THR B 287 12.10 -22.65 -44.91
N LYS B 288 10.88 -23.18 -45.09
CA LYS B 288 10.30 -23.27 -46.42
C LYS B 288 10.18 -21.82 -46.90
N ASP B 289 10.08 -21.58 -48.20
CA ASP B 289 10.02 -20.21 -48.69
C ASP B 289 8.97 -19.30 -48.05
N LYS B 290 7.76 -19.82 -47.81
CA LYS B 290 6.68 -18.99 -47.24
C LYS B 290 6.95 -18.47 -45.82
N ASP B 291 7.95 -19.03 -45.17
CA ASP B 291 8.33 -18.59 -43.85
C ASP B 291 9.67 -17.91 -43.88
N SER B 292 10.18 -17.58 -45.07
CA SER B 292 11.51 -16.98 -45.18
C SER B 292 11.68 -15.68 -44.41
N TRP B 293 10.57 -15.04 -44.05
CA TRP B 293 10.61 -13.79 -43.32
C TRP B 293 11.14 -14.02 -41.91
N LYS B 294 11.12 -15.26 -41.44
CA LYS B 294 11.62 -15.55 -40.10
C LYS B 294 13.15 -15.43 -39.93
N THR B 295 13.94 -15.91 -40.88
CA THR B 295 15.42 -15.90 -40.78
C THR B 295 15.99 -14.68 -40.07
N LYS B 296 15.63 -13.54 -40.62
CA LYS B 296 15.98 -12.22 -40.14
C LYS B 296 15.79 -12.19 -38.58
N TYR B 297 14.60 -12.49 -38.10
CA TYR B 297 14.34 -12.48 -36.66
C TYR B 297 15.04 -13.57 -35.86
N TYR B 298 15.19 -14.74 -36.47
CA TYR B 298 15.87 -15.87 -35.84
C TYR B 298 17.27 -15.42 -35.56
N ARG B 299 17.84 -14.64 -36.48
CA ARG B 299 19.22 -14.14 -36.31
C ARG B 299 19.33 -13.00 -35.31
N GLU B 300 18.34 -12.10 -35.30
CA GLU B 300 18.33 -11.00 -34.36
C GLU B 300 18.35 -11.64 -32.93
N LYS B 301 17.42 -12.55 -32.65
CA LYS B 301 17.37 -13.23 -31.35
C LYS B 301 18.68 -13.83 -30.90
N ILE B 302 19.46 -14.41 -31.81
CA ILE B 302 20.75 -15.00 -31.44
C ILE B 302 21.73 -13.93 -31.01
N VAL B 303 21.75 -12.82 -31.71
CA VAL B 303 22.63 -11.74 -31.28
C VAL B 303 22.09 -11.20 -29.93
N MSE B 304 20.84 -10.75 -29.93
CA MSE B 304 20.23 -10.19 -28.75
C MSE B 304 20.33 -11.01 -27.48
O MSE B 304 20.49 -10.45 -26.41
CB MSE B 304 18.80 -9.81 -29.06
CG MSE B 304 18.71 -8.68 -30.05
SE MSE B 304 19.84 -7.09 -29.69
CE MSE B 304 19.16 -6.71 -27.93
N ILE B 305 20.27 -12.33 -27.58
CA ILE B 305 20.36 -13.10 -26.37
C ILE B 305 21.74 -12.95 -25.81
N GLU B 306 22.71 -12.71 -26.69
CA GLU B 306 24.11 -12.53 -26.26
C GLU B 306 24.38 -11.11 -25.81
N GLN B 307 23.54 -10.18 -26.25
CA GLN B 307 23.68 -8.79 -25.84
C GLN B 307 23.10 -8.68 -24.47
N PHE B 308 22.24 -9.61 -24.07
CA PHE B 308 21.66 -9.54 -22.74
C PHE B 308 22.54 -10.23 -21.70
N TYR B 309 23.32 -11.23 -22.14
CA TYR B 309 24.22 -11.94 -21.24
C TYR B 309 25.34 -10.94 -20.97
N ARG B 310 25.55 -10.00 -21.89
CA ARG B 310 26.58 -8.99 -21.67
C ARG B 310 26.09 -8.03 -20.57
N TYR B 311 24.84 -7.58 -20.73
CA TYR B 311 24.19 -6.70 -19.77
C TYR B 311 24.12 -7.35 -18.42
N VAL B 312 24.18 -8.68 -18.35
CA VAL B 312 24.11 -9.29 -17.02
C VAL B 312 25.48 -9.27 -16.38
N GLN B 313 26.49 -9.58 -17.15
CA GLN B 313 27.87 -9.58 -16.65
C GLN B 313 28.29 -8.16 -16.27
N GLU B 314 27.95 -7.18 -17.10
CA GLU B 314 28.31 -5.79 -16.84
C GLU B 314 27.44 -5.03 -15.82
N ASN B 315 26.38 -5.65 -15.32
CA ASN B 315 25.53 -4.94 -14.37
C ASN B 315 25.15 -5.71 -13.14
N ARG B 316 25.69 -6.91 -12.98
CA ARG B 316 25.32 -7.69 -11.82
C ARG B 316 26.00 -7.22 -10.54
N ALA B 317 26.98 -6.32 -10.68
CA ALA B 317 27.68 -5.76 -9.54
C ALA B 317 26.63 -5.21 -8.57
N ASP B 318 25.48 -4.78 -9.10
CA ASP B 318 24.33 -4.29 -8.30
C ASP B 318 23.22 -5.34 -8.43
N GLY B 319 22.00 -4.96 -8.07
CA GLY B 319 20.90 -5.88 -8.25
C GLY B 319 20.39 -5.45 -9.60
N TYR B 320 21.33 -5.24 -10.54
CA TYR B 320 21.01 -4.78 -11.88
C TYR B 320 20.18 -3.52 -11.71
N GLN B 321 20.80 -2.49 -11.17
CA GLN B 321 20.10 -1.25 -10.93
C GLN B 321 19.90 -0.51 -12.26
N THR B 322 20.91 -0.48 -13.09
CA THR B 322 20.80 0.18 -14.39
C THR B 322 19.87 -0.61 -15.37
N PRO B 323 18.82 0.04 -15.90
CA PRO B 323 17.93 -0.69 -16.81
C PRO B 323 18.45 -1.05 -18.17
N TRP B 324 18.15 -2.28 -18.56
CA TRP B 324 18.49 -2.79 -19.86
C TRP B 324 18.12 -1.84 -21.01
N SER B 325 16.94 -1.25 -21.00
CA SER B 325 16.60 -0.39 -22.14
C SER B 325 17.61 0.72 -22.36
N VAL B 326 18.11 1.26 -21.24
CA VAL B 326 19.02 2.39 -21.25
C VAL B 326 20.42 1.92 -21.51
N TRP B 327 20.80 0.85 -20.84
CA TRP B 327 22.11 0.33 -21.08
C TRP B 327 22.23 0.00 -22.59
N LEU B 328 21.23 -0.69 -23.13
CA LEU B 328 21.22 -1.07 -24.55
C LEU B 328 21.37 0.08 -25.55
N LYS B 329 21.02 1.31 -25.14
CA LYS B 329 21.12 2.48 -26.00
C LYS B 329 22.56 2.93 -26.07
N SER B 330 23.24 2.88 -24.93
CA SER B 330 24.64 3.28 -24.89
C SER B 330 25.55 2.10 -25.26
N HIS B 331 24.97 0.90 -25.39
CA HIS B 331 25.70 -0.33 -25.77
C HIS B 331 24.96 -1.09 -26.86
N PRO B 332 24.82 -0.49 -28.06
CA PRO B 332 24.09 -1.27 -29.07
C PRO B 332 24.75 -2.52 -29.58
N ALA B 333 23.94 -3.41 -30.11
CA ALA B 333 24.46 -4.65 -30.67
C ALA B 333 24.74 -4.40 -32.16
N LYS B 334 25.62 -5.19 -32.75
CA LYS B 334 25.91 -5.03 -34.19
C LYS B 334 25.44 -6.28 -34.92
N ALA B 335 24.81 -6.10 -36.08
CA ALA B 335 24.30 -7.22 -36.88
C ALA B 335 25.38 -8.29 -37.14
N LEU B 336 25.00 -9.57 -37.10
CA LEU B 336 25.94 -10.69 -37.35
C LEU B 336 25.22 -12.05 -37.54
N GLU C 26 -22.41 17.59 32.32
CA GLU C 26 -22.00 16.40 33.14
C GLU C 26 -20.57 16.48 33.70
N PRO C 27 -20.30 15.76 34.80
CA PRO C 27 -18.95 15.77 35.39
C PRO C 27 -18.05 14.87 34.59
N VAL C 28 -16.77 15.21 34.57
CA VAL C 28 -15.79 14.42 33.84
C VAL C 28 -15.78 13.05 34.50
N GLY C 29 -15.70 12.00 33.70
CA GLY C 29 -15.72 10.66 34.27
C GLY C 29 -17.06 10.02 34.06
N SER C 30 -17.99 10.85 33.60
CA SER C 30 -19.38 10.42 33.34
C SER C 30 -20.05 11.18 32.15
N TYR C 31 -19.29 11.46 31.10
CA TYR C 31 -19.84 12.14 29.94
C TYR C 31 -20.87 11.22 29.29
N ALA C 32 -20.62 9.93 29.45
CA ALA C 32 -21.45 8.86 28.93
C ALA C 32 -22.86 8.96 29.47
N ARG C 33 -22.96 9.24 30.77
CA ARG C 33 -24.26 9.37 31.40
C ARG C 33 -25.18 10.34 30.63
N ALA C 34 -24.60 11.20 29.82
CA ALA C 34 -25.39 12.17 29.09
C ALA C 34 -26.08 11.61 27.89
N GLU C 35 -25.69 10.40 27.45
CA GLU C 35 -26.25 9.75 26.26
C GLU C 35 -27.61 9.05 26.49
N ARG C 36 -28.34 8.83 25.38
CA ARG C 36 -29.63 8.12 25.40
C ARG C 36 -29.35 6.70 24.99
N PRO C 37 -29.28 5.78 25.97
CA PRO C 37 -29.00 4.39 25.61
C PRO C 37 -29.94 3.83 24.52
N GLN C 38 -31.19 4.29 24.48
CA GLN C 38 -32.18 3.79 23.51
C GLN C 38 -31.84 4.01 22.04
N ASP C 39 -30.90 4.92 21.76
CA ASP C 39 -30.51 5.19 20.37
C ASP C 39 -29.36 4.30 19.91
N PHE C 40 -28.92 3.41 20.79
CA PHE C 40 -27.82 2.52 20.49
C PHE C 40 -28.20 1.07 20.77
N GLU C 41 -29.43 0.70 20.48
CA GLU C 41 -29.86 -0.67 20.78
C GLU C 41 -29.25 -1.74 19.86
N GLY C 42 -29.13 -2.94 20.42
CA GLY C 42 -28.57 -4.07 19.70
C GLY C 42 -29.49 -4.60 18.62
N PHE C 43 -28.90 -4.89 17.46
CA PHE C 43 -29.65 -5.35 16.32
C PHE C 43 -29.00 -6.50 15.56
N VAL C 44 -27.79 -6.88 15.90
CA VAL C 44 -27.22 -8.01 15.17
C VAL C 44 -26.23 -8.79 15.99
N TRP C 45 -26.07 -10.06 15.63
CA TRP C 45 -25.07 -10.88 16.29
C TRP C 45 -23.74 -10.64 15.55
N ARG C 46 -22.79 -9.92 16.16
CA ARG C 46 -21.46 -9.64 15.58
C ARG C 46 -20.47 -10.79 15.79
N LEU C 47 -19.77 -11.16 14.74
CA LEU C 47 -18.78 -12.21 14.89
C LEU C 47 -17.56 -11.60 15.62
N ASP C 48 -17.18 -12.14 16.77
CA ASP C 48 -16.04 -11.54 17.48
C ASP C 48 -14.66 -11.97 16.96
N ASN C 49 -14.57 -13.13 16.32
CA ASN C 49 -13.30 -13.55 15.77
C ASN C 49 -13.58 -14.68 14.79
N ASP C 50 -12.93 -14.64 13.65
CA ASP C 50 -13.15 -15.65 12.63
C ASP C 50 -12.42 -16.96 12.98
N GLY C 51 -11.64 -16.93 14.03
CA GLY C 51 -10.90 -18.12 14.41
C GLY C 51 -9.93 -18.63 13.35
N LYS C 52 -9.52 -17.76 12.43
CA LYS C 52 -8.60 -18.16 11.38
C LYS C 52 -7.17 -18.22 11.93
N GLU C 53 -6.85 -17.30 12.81
CA GLU C 53 -5.53 -17.21 13.41
C GLU C 53 -5.58 -18.02 14.69
N ALA C 54 -4.43 -18.52 15.12
CA ALA C 54 -4.33 -19.34 16.31
C ALA C 54 -4.44 -18.61 17.61
N LEU C 55 -4.03 -17.35 17.65
CA LEU C 55 -4.13 -16.60 18.91
C LEU C 55 -4.89 -15.36 18.53
N PRO C 56 -5.67 -14.83 19.46
CA PRO C 56 -6.46 -13.61 19.19
C PRO C 56 -5.57 -12.39 18.92
N ARG C 57 -5.98 -11.52 18.01
CA ARG C 57 -5.23 -10.30 17.73
C ARG C 57 -4.90 -9.48 19.01
N ASN C 58 -3.73 -8.81 18.99
CA ASN C 58 -3.16 -7.96 20.05
C ASN C 58 -2.76 -8.65 21.36
N PHE C 59 -2.45 -9.94 21.28
CA PHE C 59 -2.05 -10.69 22.48
C PHE C 59 -0.70 -10.18 22.97
N ARG C 60 -0.56 -9.95 24.28
CA ARG C 60 0.68 -9.41 24.84
C ARG C 60 0.81 -9.64 26.36
N THR C 61 2.04 -9.74 26.82
CA THR C 61 2.28 -9.97 28.25
C THR C 61 3.08 -8.85 28.89
N SER C 62 3.03 -8.70 30.20
CA SER C 62 3.84 -7.64 30.80
C SER C 62 5.33 -8.05 30.83
N ALA C 63 5.58 -9.30 30.46
CA ALA C 63 6.91 -9.84 30.45
C ALA C 63 7.41 -9.90 28.99
N ASP C 64 7.04 -8.91 28.19
CA ASP C 64 7.47 -8.92 26.80
C ASP C 64 8.32 -7.62 26.54
N ALA C 65 9.05 -7.61 25.42
CA ALA C 65 9.89 -6.48 25.06
C ALA C 65 9.09 -5.30 24.59
N LEU C 66 9.61 -4.10 24.85
CA LEU C 66 9.00 -2.83 24.42
C LEU C 66 9.42 -2.62 22.96
N ARG C 67 8.49 -2.14 22.14
CA ARG C 67 8.75 -1.91 20.71
C ARG C 67 8.73 -0.37 20.53
N ALA C 68 9.19 0.15 19.40
CA ALA C 68 9.16 1.60 19.26
C ALA C 68 7.71 2.02 19.18
N PRO C 69 7.35 3.16 19.81
CA PRO C 69 5.97 3.66 19.79
C PRO C 69 5.41 3.91 18.38
N GLU C 70 4.08 3.93 18.24
CA GLU C 70 3.49 4.17 16.96
C GLU C 70 3.54 5.66 16.70
N LYS C 71 3.75 6.04 15.44
CA LYS C 71 3.80 7.43 15.02
C LYS C 71 2.58 8.29 15.52
N LYS C 72 1.37 7.73 15.40
CA LYS C 72 0.08 8.33 15.78
C LYS C 72 0.06 9.06 17.14
N PHE C 73 0.80 8.52 18.11
CA PHE C 73 0.90 9.06 19.47
C PHE C 73 2.03 10.11 19.71
N HIS C 74 2.88 10.30 18.71
CA HIS C 74 3.96 11.26 18.75
C HIS C 74 4.72 11.36 20.03
N LEU C 75 5.42 10.28 20.37
CA LEU C 75 6.20 10.18 21.60
C LEU C 75 7.68 10.12 21.28
N ASP C 76 8.49 10.16 22.34
CA ASP C 76 9.95 10.11 22.29
C ASP C 76 10.43 8.69 21.91
N ALA C 77 10.69 8.43 20.64
CA ALA C 77 11.12 7.08 20.23
C ALA C 77 12.40 6.64 20.89
N ALA C 78 13.03 7.58 21.60
CA ALA C 78 14.28 7.34 22.28
C ALA C 78 14.11 7.06 23.78
N TYR C 79 12.98 7.48 24.34
CA TYR C 79 12.74 7.22 25.77
C TYR C 79 12.77 5.72 26.10
N VAL C 80 13.44 5.39 27.20
CA VAL C 80 13.50 4.01 27.65
C VAL C 80 12.74 3.94 28.96
N PRO C 81 11.65 3.18 28.97
CA PRO C 81 10.83 3.04 30.15
C PRO C 81 11.44 2.08 31.15
N SER C 82 11.26 2.37 32.45
CA SER C 82 11.77 1.48 33.48
C SER C 82 10.92 0.24 33.41
N ARG C 83 11.53 -0.92 33.65
CA ARG C 83 10.79 -2.19 33.63
C ARG C 83 10.51 -2.58 35.07
N GLU C 84 10.93 -1.72 35.99
CA GLU C 84 10.73 -2.03 37.37
C GLU C 84 9.34 -2.60 37.63
N GLY C 85 9.33 -3.79 38.22
CA GLY C 85 8.09 -4.43 38.61
C GLY C 85 7.30 -5.16 37.57
N MSE C 86 7.95 -5.49 36.45
CA MSE C 86 7.26 -6.17 35.38
C MSE C 86 7.29 -7.68 35.26
O MSE C 86 6.41 -8.25 34.62
CB MSE C 86 7.69 -5.55 34.07
CG MSE C 86 7.24 -4.13 33.96
SE MSE C 86 7.26 -3.70 32.12
CE MSE C 86 5.33 -3.86 31.83
N ASP C 87 8.30 -8.33 35.83
CA ASP C 87 8.36 -9.79 35.78
C ASP C 87 7.53 -10.32 36.91
N ALA C 88 7.03 -9.39 37.72
CA ALA C 88 6.18 -9.74 38.83
C ALA C 88 4.79 -9.12 38.66
N LEU C 89 4.44 -8.73 37.44
CA LEU C 89 3.13 -8.15 37.17
C LEU C 89 2.21 -9.31 36.89
N HIS C 90 2.61 -10.18 35.98
CA HIS C 90 1.80 -11.32 35.62
C HIS C 90 0.48 -10.74 35.07
N ILE C 91 0.60 -10.02 33.96
CA ILE C 91 -0.52 -9.35 33.30
C ILE C 91 -0.41 -9.73 31.85
N SER C 92 -1.51 -9.58 31.12
CA SER C 92 -1.55 -9.86 29.71
C SER C 92 -2.88 -9.38 29.14
N GLY C 93 -3.01 -9.51 27.83
CA GLY C 93 -4.20 -9.06 27.17
C GLY C 93 -4.31 -9.35 25.69
N SER C 94 -5.56 -9.24 25.22
CA SER C 94 -5.96 -9.52 23.85
C SER C 94 -7.40 -9.11 23.60
N SER C 95 -7.85 -9.45 22.40
CA SER C 95 -9.20 -9.27 21.84
C SER C 95 -10.06 -10.52 22.17
N ALA C 96 -11.33 -10.50 21.76
CA ALA C 96 -12.22 -11.64 22.01
C ALA C 96 -11.57 -12.86 21.37
N PHE C 97 -12.00 -14.06 21.77
CA PHE C 97 -11.39 -15.29 21.24
C PHE C 97 -12.32 -16.50 21.06
N THR C 98 -11.92 -17.43 20.19
CA THR C 98 -12.73 -18.63 20.04
C THR C 98 -12.30 -19.53 21.19
N PRO C 99 -12.83 -20.77 21.28
CA PRO C 99 -12.40 -21.64 22.39
C PRO C 99 -11.08 -22.26 22.03
N ALA C 100 -10.88 -22.47 20.74
CA ALA C 100 -9.63 -23.03 20.28
C ALA C 100 -8.51 -22.03 20.54
N GLN C 101 -8.82 -20.73 20.52
CA GLN C 101 -7.79 -19.73 20.75
C GLN C 101 -7.53 -19.56 22.22
N LEU C 102 -8.58 -19.63 23.03
CA LEU C 102 -8.40 -19.51 24.48
C LEU C 102 -7.51 -20.68 24.95
N LYS C 103 -7.58 -21.84 24.31
CA LYS C 103 -6.69 -22.95 24.73
C LYS C 103 -5.19 -22.60 24.44
N ASN C 104 -4.92 -21.98 23.30
CA ASN C 104 -3.58 -21.55 22.99
C ASN C 104 -3.11 -20.52 24.02
N VAL C 105 -3.88 -19.45 24.15
CA VAL C 105 -3.58 -18.38 25.08
C VAL C 105 -3.46 -18.86 26.52
N ALA C 106 -3.94 -20.07 26.82
CA ALA C 106 -3.84 -20.53 28.19
C ALA C 106 -2.63 -21.44 28.36
N ALA C 107 -2.30 -22.17 27.31
CA ALA C 107 -1.13 -23.05 27.33
C ALA C 107 0.10 -22.15 27.41
N LYS C 108 0.24 -21.31 26.38
CA LYS C 108 1.29 -20.31 26.21
C LYS C 108 1.48 -19.46 27.48
N LEU C 109 0.41 -19.20 28.24
CA LEU C 109 0.53 -18.41 29.46
C LEU C 109 0.96 -19.28 30.62
N ARG C 110 0.92 -20.60 30.41
CA ARG C 110 1.37 -21.53 31.44
C ARG C 110 2.89 -21.34 31.50
N GLU C 111 3.53 -21.42 30.32
CA GLU C 111 4.97 -21.24 30.15
C GLU C 111 5.55 -19.97 30.80
N LYS C 112 4.73 -19.22 31.54
CA LYS C 112 5.18 -18.01 32.19
C LYS C 112 4.77 -17.91 33.65
N THR C 113 3.95 -18.85 34.11
CA THR C 113 3.53 -18.95 35.54
C THR C 113 2.92 -20.30 35.81
N ALA C 114 2.48 -20.48 37.04
CA ALA C 114 1.86 -21.74 37.42
C ALA C 114 0.84 -21.40 38.49
N GLY C 115 0.60 -20.12 38.69
CA GLY C 115 -0.41 -19.75 39.67
C GLY C 115 -1.75 -19.89 38.97
N PRO C 116 -2.85 -19.39 39.55
CA PRO C 116 -4.19 -19.48 38.96
C PRO C 116 -4.34 -18.49 37.82
N ILE C 117 -4.54 -18.97 36.60
CA ILE C 117 -4.70 -18.04 35.50
C ILE C 117 -6.15 -17.47 35.35
N TYR C 118 -6.25 -16.17 35.10
CA TYR C 118 -7.56 -15.56 34.94
C TYR C 118 -7.91 -15.05 33.57
N ASP C 119 -9.21 -15.04 33.32
CA ASP C 119 -9.82 -14.55 32.09
C ASP C 119 -10.67 -13.45 32.64
N VAL C 120 -10.14 -12.23 32.66
CA VAL C 120 -10.90 -11.12 33.18
C VAL C 120 -11.61 -10.45 32.01
N ASP C 121 -12.94 -10.61 32.02
CA ASP C 121 -13.83 -10.14 30.96
C ASP C 121 -14.31 -8.73 31.21
N LEU C 122 -13.89 -7.82 30.33
CA LEU C 122 -14.26 -6.41 30.48
C LEU C 122 -15.40 -5.90 29.59
N ARG C 123 -16.06 -6.78 28.86
CA ARG C 123 -17.12 -6.38 27.92
C ARG C 123 -18.50 -6.21 28.54
N GLN C 124 -19.02 -4.99 28.55
CA GLN C 124 -20.34 -4.80 29.06
C GLN C 124 -21.35 -5.37 28.05
N GLU C 125 -21.02 -5.35 26.77
CA GLU C 125 -21.94 -5.86 25.79
C GLU C 125 -22.13 -7.39 25.99
N SER C 126 -23.29 -7.91 25.60
CA SER C 126 -23.63 -9.33 25.72
C SER C 126 -22.86 -10.16 24.73
N HIS C 127 -22.22 -11.20 25.20
CA HIS C 127 -21.52 -12.01 24.23
C HIS C 127 -21.56 -13.44 24.67
N GLY C 128 -21.12 -14.33 23.80
CA GLY C 128 -21.13 -15.74 24.15
C GLY C 128 -20.74 -16.61 22.98
N TYR C 129 -21.29 -17.81 22.91
CA TYR C 129 -20.89 -18.74 21.86
C TYR C 129 -22.04 -19.52 21.29
N LEU C 130 -22.32 -19.26 20.03
CA LEU C 130 -23.39 -19.94 19.29
C LEU C 130 -22.60 -20.93 18.46
N ASP C 131 -22.72 -22.21 18.84
CA ASP C 131 -21.97 -23.31 18.19
C ASP C 131 -20.46 -23.11 18.23
N GLY C 132 -20.02 -22.42 19.28
CA GLY C 132 -18.60 -22.12 19.43
C GLY C 132 -18.07 -20.91 18.63
N ILE C 133 -18.95 -20.18 17.94
CA ILE C 133 -18.56 -19.02 17.13
C ILE C 133 -18.70 -17.84 18.05
N PRO C 134 -17.62 -17.11 18.29
CA PRO C 134 -17.69 -15.95 19.19
C PRO C 134 -18.53 -14.83 18.68
N VAL C 135 -19.55 -14.48 19.45
CA VAL C 135 -20.44 -13.43 19.04
C VAL C 135 -20.85 -12.55 20.17
N SER C 136 -21.24 -11.33 19.79
CA SER C 136 -21.76 -10.32 20.70
C SER C 136 -23.05 -9.63 20.04
N TRP C 137 -23.88 -9.00 20.83
CA TRP C 137 -25.09 -8.39 20.30
C TRP C 137 -24.69 -6.95 20.13
N TYR C 138 -24.49 -6.56 18.89
CA TYR C 138 -24.02 -5.26 18.55
C TYR C 138 -25.04 -4.17 18.21
N GLY C 139 -24.90 -3.05 18.93
CA GLY C 139 -25.72 -1.85 18.73
C GLY C 139 -24.77 -0.75 18.23
N GLU C 140 -25.24 0.31 17.58
CA GLU C 140 -24.31 1.33 17.09
C GLU C 140 -23.32 1.73 18.17
N ARG C 141 -22.06 1.83 17.82
CA ARG C 141 -21.02 2.16 18.79
C ARG C 141 -20.79 1.07 19.82
N ASP C 142 -21.32 -0.12 19.62
CA ASP C 142 -21.14 -1.19 20.58
C ASP C 142 -21.70 -0.74 21.93
N TRP C 143 -22.82 -0.02 21.86
CA TRP C 143 -23.50 0.49 23.06
C TRP C 143 -24.82 -0.18 23.47
N ALA C 144 -25.07 -1.41 23.04
CA ALA C 144 -26.30 -2.15 23.37
C ALA C 144 -26.63 -2.29 24.88
N ASN C 145 -25.64 -2.37 25.73
CA ASN C 145 -25.98 -2.44 27.14
C ASN C 145 -25.65 -1.17 27.91
N LEU C 146 -25.56 -0.02 27.23
CA LEU C 146 -25.25 1.23 27.94
C LEU C 146 -26.34 1.52 29.01
N GLY C 147 -25.94 1.94 30.21
CA GLY C 147 -26.91 2.25 31.24
C GLY C 147 -27.49 1.07 32.02
N LYS C 148 -27.21 -0.14 31.57
CA LYS C 148 -27.71 -1.29 32.29
C LYS C 148 -26.73 -1.52 33.42
N SER C 149 -27.19 -1.72 34.65
CA SER C 149 -26.25 -1.99 35.73
C SER C 149 -25.55 -3.28 35.27
N GLN C 150 -24.57 -3.80 36.03
CA GLN C 150 -23.92 -5.04 35.61
C GLN C 150 -24.92 -6.21 35.61
N HIS C 151 -25.50 -6.47 36.75
CA HIS C 151 -26.47 -7.53 36.84
C HIS C 151 -27.50 -7.40 35.71
N GLU C 152 -27.92 -6.18 35.40
CA GLU C 152 -28.91 -6.04 34.36
C GLU C 152 -28.40 -6.45 33.01
N ALA C 153 -27.13 -6.17 32.74
CA ALA C 153 -26.56 -6.56 31.46
C ALA C 153 -26.37 -8.06 31.36
N LEU C 154 -25.83 -8.64 32.42
CA LEU C 154 -25.63 -10.07 32.48
C LEU C 154 -26.99 -10.74 32.24
N ALA C 155 -28.05 -10.17 32.82
CA ALA C 155 -29.38 -10.74 32.64
C ALA C 155 -29.77 -10.88 31.17
N ASP C 156 -29.58 -9.78 30.43
CA ASP C 156 -29.85 -9.69 28.98
C ASP C 156 -29.00 -10.72 28.23
N GLU C 157 -27.75 -10.84 28.65
CA GLU C 157 -26.86 -11.77 28.00
C GLU C 157 -27.48 -13.15 28.26
N ARG C 158 -27.86 -13.39 29.50
CA ARG C 158 -28.49 -14.68 29.86
C ARG C 158 -29.71 -15.01 28.98
N HIS C 159 -30.66 -14.09 28.89
CA HIS C 159 -31.83 -14.35 28.09
C HIS C 159 -31.58 -14.46 26.61
N ARG C 160 -30.80 -13.55 26.03
CA ARG C 160 -30.53 -13.60 24.60
C ARG C 160 -29.91 -14.93 24.20
N LEU C 161 -28.86 -15.29 24.94
CA LEU C 161 -28.12 -16.50 24.68
C LEU C 161 -29.00 -17.74 24.69
N HIS C 162 -29.66 -17.97 25.81
CA HIS C 162 -30.52 -19.13 25.87
C HIS C 162 -31.49 -19.15 24.67
N ALA C 163 -32.16 -18.01 24.46
CA ALA C 163 -33.13 -17.78 23.39
C ALA C 163 -32.67 -18.16 22.02
N ALA C 164 -31.38 -18.33 21.82
CA ALA C 164 -30.92 -18.62 20.48
C ALA C 164 -30.73 -20.10 20.20
N LEU C 165 -30.89 -20.94 21.23
CA LEU C 165 -30.72 -22.38 21.01
C LEU C 165 -31.82 -22.83 20.10
N HIS C 166 -31.47 -23.67 19.15
CA HIS C 166 -32.45 -24.20 18.21
C HIS C 166 -33.15 -23.20 17.28
N LYS C 167 -32.81 -21.91 17.37
CA LYS C 167 -33.43 -20.94 16.48
C LYS C 167 -32.49 -20.57 15.33
N THR C 168 -33.02 -19.91 14.31
CA THR C 168 -32.18 -19.50 13.20
C THR C 168 -31.58 -18.15 13.60
N VAL C 169 -30.33 -17.90 13.22
CA VAL C 169 -29.70 -16.63 13.53
C VAL C 169 -28.76 -16.26 12.41
N TYR C 170 -28.51 -14.96 12.29
CA TYR C 170 -27.63 -14.35 11.28
C TYR C 170 -26.40 -13.88 12.03
N ILE C 171 -25.24 -14.35 11.65
CA ILE C 171 -24.01 -13.94 12.32
C ILE C 171 -23.11 -13.26 11.29
N ALA C 172 -22.65 -12.07 11.60
CA ALA C 172 -21.80 -11.41 10.63
C ALA C 172 -20.78 -10.48 11.24
N PRO C 173 -19.70 -10.24 10.50
CA PRO C 173 -18.59 -9.36 10.86
C PRO C 173 -18.96 -7.99 10.32
N LEU C 174 -18.60 -6.95 11.06
CA LEU C 174 -18.88 -5.56 10.69
C LEU C 174 -17.88 -5.08 9.68
N GLY C 175 -18.32 -4.31 8.70
CA GLY C 175 -17.39 -3.85 7.68
C GLY C 175 -17.03 -2.40 7.84
N LYS C 176 -16.76 -1.79 6.71
CA LYS C 176 -16.40 -0.37 6.57
C LYS C 176 -17.31 0.58 7.43
N HIS C 177 -18.60 0.67 7.05
CA HIS C 177 -19.60 1.49 7.73
C HIS C 177 -19.84 1.10 9.22
N LYS C 178 -19.22 0.02 9.69
CA LYS C 178 -19.46 -0.51 11.05
C LYS C 178 -20.80 -1.24 11.07
N LEU C 179 -21.27 -1.60 9.88
CA LEU C 179 -22.50 -2.34 9.69
C LEU C 179 -22.09 -3.71 9.12
N PRO C 180 -23.01 -4.69 9.16
CA PRO C 180 -22.77 -6.04 8.66
C PRO C 180 -22.30 -6.27 7.21
N GLU C 181 -21.31 -7.13 7.04
CA GLU C 181 -20.81 -7.50 5.70
C GLU C 181 -20.79 -9.03 5.65
N GLY C 182 -21.64 -9.61 4.80
CA GLY C 182 -21.73 -11.05 4.66
C GLY C 182 -22.15 -11.72 5.94
N GLY C 183 -21.37 -12.71 6.37
CA GLY C 183 -21.68 -13.42 7.59
C GLY C 183 -22.23 -14.76 7.20
N GLU C 184 -23.18 -15.25 7.98
CA GLU C 184 -23.83 -16.53 7.70
C GLU C 184 -25.08 -16.69 8.57
N VAL C 185 -25.99 -17.56 8.19
CA VAL C 185 -27.16 -17.82 9.04
C VAL C 185 -27.18 -19.33 9.31
N ARG C 186 -27.38 -19.70 10.57
CA ARG C 186 -27.44 -21.11 10.94
C ARG C 186 -28.49 -21.40 12.01
N ARG C 187 -28.77 -22.69 12.22
CA ARG C 187 -29.71 -23.10 13.23
C ARG C 187 -28.82 -23.43 14.43
N VAL C 188 -28.90 -22.62 15.48
CA VAL C 188 -28.06 -22.79 16.65
C VAL C 188 -28.27 -24.09 17.42
N GLN C 189 -27.29 -24.97 17.40
CA GLN C 189 -27.41 -26.23 18.11
C GLN C 189 -26.71 -26.29 19.49
N LYS C 190 -25.81 -25.36 19.78
CA LYS C 190 -25.12 -25.35 21.08
C LYS C 190 -24.97 -23.92 21.46
N VAL C 191 -25.06 -23.66 22.76
CA VAL C 191 -24.96 -22.32 23.30
C VAL C 191 -24.19 -22.31 24.63
N GLN C 192 -23.26 -21.38 24.76
CA GLN C 192 -22.45 -21.23 25.98
C GLN C 192 -22.12 -19.74 26.29
N THR C 193 -21.58 -19.54 27.48
CA THR C 193 -21.16 -18.22 27.86
C THR C 193 -19.65 -18.20 28.10
N GLU C 194 -19.13 -16.98 28.32
CA GLU C 194 -17.72 -16.77 28.62
C GLU C 194 -17.36 -17.58 29.86
N GLN C 195 -18.03 -17.30 30.98
CA GLN C 195 -17.76 -18.01 32.23
C GLN C 195 -17.62 -19.49 32.02
N GLU C 196 -18.35 -20.00 31.04
CA GLU C 196 -18.27 -21.41 30.73
C GLU C 196 -17.02 -21.64 29.91
N VAL C 197 -17.04 -21.25 28.62
CA VAL C 197 -15.88 -21.45 27.73
C VAL C 197 -14.51 -21.37 28.41
N ALA C 198 -14.38 -20.49 29.41
CA ALA C 198 -13.11 -20.32 30.11
C ALA C 198 -12.73 -21.61 30.84
N GLU C 199 -13.59 -22.03 31.75
CA GLU C 199 -13.34 -23.26 32.49
C GLU C 199 -13.07 -24.41 31.47
N ALA C 200 -13.48 -24.23 30.23
CA ALA C 200 -13.24 -25.23 29.18
C ALA C 200 -11.79 -25.37 28.71
N ALA C 201 -11.01 -24.28 28.82
CA ALA C 201 -9.62 -24.33 28.42
C ALA C 201 -8.76 -24.32 29.68
N GLY C 202 -9.44 -24.22 30.83
CA GLY C 202 -8.79 -24.24 32.13
C GLY C 202 -8.39 -22.98 32.89
N MSE C 203 -9.33 -22.07 33.19
CA MSE C 203 -9.01 -20.84 33.94
C MSE C 203 -10.17 -20.32 34.77
O MSE C 203 -11.34 -20.68 34.52
CB MSE C 203 -8.54 -19.72 32.99
CG MSE C 203 -8.64 -20.04 31.48
SE MSE C 203 -7.73 -18.81 30.22
CE MSE C 203 -8.05 -17.19 31.21
N ARG C 204 -9.89 -19.48 35.76
CA ARG C 204 -10.90 -18.86 36.62
C ARG C 204 -11.50 -17.70 35.83
N TYR C 205 -12.69 -17.25 36.18
CA TYR C 205 -13.30 -16.17 35.41
C TYR C 205 -13.88 -15.09 36.28
N PHE C 206 -13.71 -13.84 35.85
CA PHE C 206 -14.26 -12.71 36.56
C PHE C 206 -14.86 -11.83 35.49
N ARG C 207 -15.80 -10.96 35.87
CA ARG C 207 -16.50 -10.12 34.89
C ARG C 207 -16.69 -8.66 35.25
N ILE C 208 -16.14 -7.77 34.45
CA ILE C 208 -16.39 -6.36 34.74
C ILE C 208 -17.06 -5.81 33.49
N ALA C 209 -18.35 -5.52 33.60
CA ALA C 209 -19.15 -5.04 32.49
C ALA C 209 -18.87 -3.59 32.14
N ALA C 210 -17.78 -3.33 31.43
CA ALA C 210 -17.47 -1.94 31.07
C ALA C 210 -17.88 -1.50 29.65
N THR C 211 -18.38 -0.28 29.51
CA THR C 211 -18.79 0.15 28.17
C THR C 211 -17.62 0.22 27.19
N ASP C 212 -17.91 0.35 25.90
CA ASP C 212 -16.88 0.27 24.90
C ASP C 212 -16.05 1.40 24.39
N HIS C 213 -16.16 2.61 24.87
CA HIS C 213 -15.20 3.58 24.30
C HIS C 213 -14.92 4.64 25.34
N VAL C 214 -15.51 4.47 26.51
CA VAL C 214 -15.40 5.40 27.60
C VAL C 214 -14.65 4.88 28.83
N TRP C 215 -14.22 5.82 29.69
CA TRP C 215 -13.55 5.52 30.94
C TRP C 215 -14.47 4.62 31.76
N PRO C 216 -13.92 3.55 32.34
CA PRO C 216 -14.77 2.67 33.13
C PRO C 216 -15.53 3.41 34.20
N THR C 217 -16.76 2.96 34.47
CA THR C 217 -17.59 3.58 35.50
C THR C 217 -16.97 3.36 36.87
N PRO C 218 -17.33 4.22 37.83
CA PRO C 218 -16.84 4.10 39.18
C PRO C 218 -17.15 2.73 39.69
N GLU C 219 -18.40 2.31 39.54
CA GLU C 219 -18.83 0.99 40.00
C GLU C 219 -17.88 -0.05 39.43
N ASN C 220 -17.66 0.04 38.12
CA ASN C 220 -16.74 -0.84 37.39
C ASN C 220 -15.38 -0.95 38.10
N ILE C 221 -14.75 0.22 38.32
CA ILE C 221 -13.46 0.36 39.00
C ILE C 221 -13.46 -0.31 40.41
N ASP C 222 -14.44 0.03 41.26
CA ASP C 222 -14.53 -0.61 42.59
C ASP C 222 -14.56 -2.09 42.45
N ARG C 223 -15.58 -2.56 41.73
CA ARG C 223 -15.73 -3.97 41.55
C ARG C 223 -14.36 -4.52 41.27
N PHE C 224 -13.56 -3.71 40.55
CA PHE C 224 -12.25 -4.16 40.20
C PHE C 224 -11.26 -4.12 41.34
N LEU C 225 -11.19 -2.96 41.95
CA LEU C 225 -10.26 -2.76 43.06
C LEU C 225 -10.42 -3.95 43.99
N ALA C 226 -11.61 -4.02 44.61
CA ALA C 226 -11.95 -5.09 45.55
C ALA C 226 -11.47 -6.44 45.05
N PHE C 227 -11.65 -6.72 43.77
CA PHE C 227 -11.21 -7.99 43.20
C PHE C 227 -9.68 -8.18 43.33
N TYR C 228 -8.92 -7.10 43.14
CA TYR C 228 -7.46 -7.15 43.21
C TYR C 228 -7.05 -7.38 44.66
N ARG C 229 -7.53 -6.51 45.53
CA ARG C 229 -7.24 -6.57 46.94
C ARG C 229 -7.55 -7.92 47.60
N THR C 230 -7.93 -8.94 46.82
CA THR C 230 -8.19 -10.26 47.41
C THR C 230 -7.58 -11.36 46.58
N LEU C 231 -6.92 -11.00 45.50
CA LEU C 231 -6.28 -12.00 44.65
C LEU C 231 -5.08 -12.68 45.35
N PRO C 232 -4.61 -13.82 44.81
CA PRO C 232 -3.48 -14.60 45.34
C PRO C 232 -2.16 -14.14 44.70
N GLN C 233 -1.34 -13.43 45.45
CA GLN C 233 -0.05 -12.95 44.98
C GLN C 233 0.40 -13.46 43.60
N ASP C 234 0.39 -14.80 43.44
CA ASP C 234 0.81 -15.45 42.20
C ASP C 234 -0.30 -15.63 41.16
N ALA C 235 -1.34 -14.82 41.27
CA ALA C 235 -2.48 -14.86 40.36
C ALA C 235 -2.17 -14.14 39.04
N TRP C 236 -2.34 -14.82 37.91
CA TRP C 236 -2.08 -14.15 36.63
C TRP C 236 -3.33 -13.66 35.94
N LEU C 237 -3.50 -12.34 35.86
CA LEU C 237 -4.67 -11.73 35.22
C LEU C 237 -4.57 -11.58 33.70
N HIS C 238 -5.54 -12.11 32.97
CA HIS C 238 -5.48 -11.92 31.52
C HIS C 238 -6.71 -11.19 31.07
N PHE C 239 -6.56 -9.89 30.90
CA PHE C 239 -7.62 -9.02 30.46
C PHE C 239 -7.94 -9.09 28.98
N HIS C 240 -9.23 -8.95 28.66
CA HIS C 240 -9.64 -8.93 27.27
C HIS C 240 -10.93 -8.15 27.05
N CYS C 241 -11.03 -7.57 25.85
CA CYS C 241 -12.20 -6.80 25.45
C CYS C 241 -12.54 -7.16 23.98
N GLU C 242 -13.24 -6.31 23.26
CA GLU C 242 -13.56 -6.63 21.89
C GLU C 242 -12.30 -6.93 21.07
N ALA C 243 -11.50 -5.90 20.80
CA ALA C 243 -10.27 -5.96 20.01
C ALA C 243 -8.95 -6.10 20.81
N GLY C 244 -8.98 -5.72 22.08
CA GLY C 244 -7.79 -5.83 22.90
C GLY C 244 -7.06 -4.54 23.21
N VAL C 245 -7.65 -3.40 22.86
CA VAL C 245 -6.92 -2.18 23.11
C VAL C 245 -7.55 -1.19 24.04
N GLY C 246 -8.68 -0.64 23.69
CA GLY C 246 -9.26 0.39 24.55
C GLY C 246 -9.61 -0.02 25.96
N ARG C 247 -10.36 -1.11 26.09
CA ARG C 247 -10.75 -1.52 27.43
C ARG C 247 -9.68 -2.34 28.14
N THR C 248 -9.01 -3.24 27.42
CA THR C 248 -8.00 -4.01 28.08
C THR C 248 -6.76 -3.16 28.35
N THR C 249 -6.53 -2.12 27.57
CA THR C 249 -5.37 -1.31 27.94
C THR C 249 -5.64 -0.53 29.25
N ALA C 250 -6.79 0.08 29.37
CA ALA C 250 -7.07 0.79 30.60
C ALA C 250 -6.78 -0.04 31.88
N PHE C 251 -7.28 -1.26 31.91
CA PHE C 251 -7.12 -2.10 33.09
C PHE C 251 -5.70 -2.57 33.33
N MSE C 252 -5.00 -2.92 32.27
CA MSE C 252 -3.61 -3.34 32.38
C MSE C 252 -2.87 -2.17 32.99
O MSE C 252 -2.04 -2.30 33.87
CB MSE C 252 -3.06 -3.68 30.99
CG MSE C 252 -3.47 -5.06 30.55
SE MSE C 252 -3.00 -5.50 28.81
CE MSE C 252 -1.08 -5.82 28.96
N VAL C 253 -3.19 -0.98 32.53
CA VAL C 253 -2.57 0.19 33.06
C VAL C 253 -2.88 0.36 34.56
N MSE C 254 -4.10 0.13 34.99
CA MSE C 254 -4.43 0.30 36.42
C MSE C 254 -3.75 -0.74 37.33
O MSE C 254 -3.21 -0.37 38.38
CB MSE C 254 -5.97 0.28 36.64
CG MSE C 254 -6.72 1.50 36.10
SE MSE C 254 -8.67 1.39 36.28
CE MSE C 254 -9.06 2.96 37.26
N THR C 255 -3.82 -2.01 36.93
CA THR C 255 -3.21 -3.07 37.73
C THR C 255 -1.74 -2.71 37.81
N ASP C 256 -1.22 -2.14 36.74
CA ASP C 256 0.17 -1.75 36.78
C ASP C 256 0.34 -0.75 37.93
N MSE C 257 -0.40 0.35 37.91
CA MSE C 257 -0.28 1.33 38.97
C MSE C 257 -0.49 0.73 40.37
O MSE C 257 0.17 1.14 41.33
CB MSE C 257 -1.25 2.49 38.74
CG MSE C 257 -0.94 3.37 37.53
SE MSE C 257 -2.45 4.48 37.02
CE MSE C 257 -2.06 4.70 35.15
N LEU C 258 -1.37 -0.25 40.49
CA LEU C 258 -1.61 -0.86 41.80
C LEU C 258 -0.54 -1.81 42.33
N LYS C 259 0.04 -2.63 41.46
CA LYS C 259 1.06 -3.60 41.89
C LYS C 259 2.45 -2.97 42.08
N ASN C 260 2.76 -2.01 41.20
CA ASN C 260 4.04 -1.28 41.21
C ASN C 260 3.76 0.26 41.24
N PRO C 261 3.36 0.82 42.39
CA PRO C 261 3.09 2.27 42.40
C PRO C 261 4.28 3.22 42.41
N SER C 262 5.48 2.65 42.53
CA SER C 262 6.74 3.43 42.56
C SER C 262 7.10 4.00 41.17
N VAL C 263 6.77 3.23 40.15
CA VAL C 263 7.04 3.59 38.78
C VAL C 263 6.27 4.85 38.44
N SER C 264 6.84 5.71 37.60
CA SER C 264 6.14 6.92 37.24
C SER C 264 5.05 6.73 36.20
N LEU C 265 4.08 7.64 36.24
CA LEU C 265 2.95 7.66 35.31
C LEU C 265 3.52 7.57 33.88
N LYS C 266 4.47 8.44 33.52
CA LYS C 266 5.06 8.40 32.20
C LYS C 266 5.62 7.01 31.88
N ASP C 267 6.39 6.43 32.79
CA ASP C 267 6.95 5.10 32.53
C ASP C 267 5.83 4.10 32.18
N ILE C 268 4.89 3.95 33.09
CA ILE C 268 3.75 3.05 32.92
C ILE C 268 3.05 3.23 31.55
N LEU C 269 2.76 4.47 31.24
CA LEU C 269 2.17 4.79 29.96
C LEU C 269 3.05 4.39 28.80
N TYR C 270 4.25 4.96 28.65
CA TYR C 270 5.10 4.53 27.54
C TYR C 270 5.22 3.01 27.60
N ARG C 271 5.25 2.50 28.81
CA ARG C 271 5.38 1.08 29.04
C ARG C 271 4.22 0.22 28.47
N GLN C 272 3.06 0.27 29.10
CA GLN C 272 1.93 -0.52 28.63
C GLN C 272 1.69 -0.36 27.13
N HIS C 273 2.02 0.83 26.61
CA HIS C 273 1.83 1.04 25.17
C HIS C 273 2.87 0.36 24.31
N GLU C 274 4.10 0.23 24.81
CA GLU C 274 5.12 -0.37 23.99
C GLU C 274 5.10 -1.89 23.91
N ILE C 275 4.37 -2.55 24.82
CA ILE C 275 4.29 -4.01 24.74
C ILE C 275 3.15 -4.44 23.79
N GLY C 276 2.41 -3.45 23.28
CA GLY C 276 1.32 -3.73 22.37
C GLY C 276 0.04 -3.03 22.76
N GLY C 277 0.01 -2.41 23.92
CA GLY C 277 -1.24 -1.77 24.29
C GLY C 277 -1.46 -0.40 23.69
N PHE C 278 -2.43 0.31 24.24
CA PHE C 278 -2.73 1.66 23.79
C PHE C 278 -1.98 2.66 24.65
N TYR C 279 -1.80 3.88 24.13
CA TYR C 279 -1.14 4.94 24.89
C TYR C 279 -2.17 5.82 25.55
N TYR C 280 -2.17 5.86 26.86
CA TYR C 280 -3.15 6.66 27.58
C TYR C 280 -2.75 8.03 28.05
N GLY C 281 -1.78 8.65 27.41
CA GLY C 281 -1.40 9.99 27.82
C GLY C 281 -1.87 10.97 26.77
N GLU C 282 -1.60 12.25 26.98
CA GLU C 282 -2.02 13.27 26.02
C GLU C 282 -1.44 13.02 24.63
N PHE C 283 -2.26 13.16 23.60
CA PHE C 283 -1.79 13.00 22.22
C PHE C 283 -2.73 13.75 21.26
N PRO C 284 -2.29 14.03 20.03
CA PRO C 284 -3.19 14.75 19.11
C PRO C 284 -4.27 13.86 18.52
N ILE C 285 -5.48 13.92 19.04
CA ILE C 285 -6.55 13.02 18.57
C ILE C 285 -7.19 13.32 17.20
N LYS C 286 -7.22 12.31 16.31
CA LYS C 286 -7.77 12.38 14.93
C LYS C 286 -8.73 11.24 14.77
N THR C 287 -9.85 11.54 14.12
CA THR C 287 -10.89 10.57 13.93
C THR C 287 -11.46 10.69 12.54
N LYS C 288 -12.18 9.66 12.13
CA LYS C 288 -12.87 9.59 10.86
C LYS C 288 -14.05 10.56 10.97
N ASP C 289 -14.57 11.00 9.83
CA ASP C 289 -15.67 11.96 9.88
C ASP C 289 -16.91 11.47 10.65
N LYS C 290 -17.14 10.17 10.58
CA LYS C 290 -18.26 9.48 11.20
C LYS C 290 -17.95 9.12 12.66
N ASP C 291 -16.75 9.44 13.16
CA ASP C 291 -16.36 9.10 14.52
C ASP C 291 -16.02 10.27 15.47
N SER C 292 -16.32 11.52 15.08
CA SER C 292 -15.92 12.61 15.97
C SER C 292 -16.59 12.61 17.33
N TRP C 293 -17.64 11.81 17.51
CA TRP C 293 -18.26 11.75 18.82
C TRP C 293 -17.20 11.21 19.77
N LYS C 294 -16.20 10.52 19.25
CA LYS C 294 -15.16 9.93 20.11
C LYS C 294 -14.19 10.88 20.84
N THR C 295 -13.99 12.06 20.28
CA THR C 295 -13.02 12.97 20.83
C THR C 295 -13.28 13.26 22.33
N LYS C 296 -14.49 13.66 22.61
CA LYS C 296 -14.86 13.95 23.96
C LYS C 296 -14.51 12.77 24.87
N TYR C 297 -14.66 11.53 24.43
CA TYR C 297 -14.35 10.37 25.27
C TYR C 297 -12.88 10.02 25.34
N TYR C 298 -12.13 10.32 24.28
CA TYR C 298 -10.70 10.07 24.30
C TYR C 298 -10.09 11.05 25.28
N ARG C 299 -10.49 12.32 25.21
CA ARG C 299 -9.95 13.34 26.10
C ARG C 299 -10.25 13.05 27.57
N GLU C 300 -11.48 12.62 27.84
CA GLU C 300 -11.90 12.29 29.17
C GLU C 300 -11.04 11.13 29.73
N LYS C 301 -10.71 10.15 28.94
CA LYS C 301 -9.93 9.05 29.49
C LYS C 301 -8.56 9.56 29.96
N ILE C 302 -8.01 10.54 29.24
CA ILE C 302 -6.69 11.11 29.55
C ILE C 302 -6.69 11.86 30.86
N VAL C 303 -7.79 12.52 31.15
CA VAL C 303 -7.90 13.22 32.39
C VAL C 303 -8.08 12.19 33.49
N MSE C 304 -8.96 11.24 33.23
CA MSE C 304 -9.24 10.22 34.21
C MSE C 304 -8.17 9.20 34.53
O MSE C 304 -8.13 8.69 35.64
CB MSE C 304 -10.53 9.47 33.81
CG MSE C 304 -11.74 10.36 33.78
SE MSE C 304 -12.04 11.31 35.44
CE MSE C 304 -12.32 9.70 36.51
N ILE C 305 -7.28 8.87 33.60
CA ILE C 305 -6.30 7.82 33.92
C ILE C 305 -5.24 8.38 34.83
N GLU C 306 -5.18 9.70 34.86
CA GLU C 306 -4.24 10.44 35.64
C GLU C 306 -4.82 10.62 37.01
N GLN C 307 -6.12 10.79 37.05
CA GLN C 307 -6.80 10.94 38.29
C GLN C 307 -6.64 9.65 39.04
N PHE C 308 -6.68 8.54 38.31
CA PHE C 308 -6.55 7.27 38.98
C PHE C 308 -5.15 7.06 39.56
N TYR C 309 -4.10 7.46 38.82
CA TYR C 309 -2.73 7.36 39.30
C TYR C 309 -2.69 8.16 40.61
N ARG C 310 -3.32 9.34 40.59
CA ARG C 310 -3.38 10.17 41.77
C ARG C 310 -3.94 9.27 42.87
N TYR C 311 -5.23 8.95 42.80
CA TYR C 311 -5.83 8.08 43.83
C TYR C 311 -4.84 6.98 44.25
N VAL C 312 -4.17 6.35 43.30
CA VAL C 312 -3.24 5.33 43.72
C VAL C 312 -2.12 5.95 44.61
N GLN C 313 -1.60 7.10 44.20
CA GLN C 313 -0.55 7.75 44.96
C GLN C 313 -1.02 8.42 46.26
N GLU C 314 -2.32 8.46 46.52
CA GLU C 314 -2.84 9.08 47.75
C GLU C 314 -3.52 8.08 48.70
N ASN C 315 -3.55 6.80 48.30
CA ASN C 315 -4.15 5.71 49.11
C ASN C 315 -3.21 4.53 49.09
N ARG C 316 -2.09 4.74 48.42
CA ARG C 316 -1.06 3.74 48.30
C ARG C 316 -0.69 3.23 49.68
N ALA C 317 -0.55 4.18 50.60
CA ALA C 317 -0.20 3.95 52.01
C ALA C 317 -0.99 2.83 52.64
N ASP C 318 -2.23 3.14 52.99
CA ASP C 318 -3.14 2.20 53.60
C ASP C 318 -3.21 0.93 52.77
N GLY C 319 -4.22 0.12 53.02
CA GLY C 319 -4.37 -1.09 52.22
C GLY C 319 -5.30 -0.74 51.07
N TYR C 320 -5.15 0.49 50.54
CA TYR C 320 -6.00 1.00 49.47
C TYR C 320 -7.43 1.07 49.99
N GLN C 321 -7.53 1.03 51.33
CA GLN C 321 -8.77 1.08 52.08
C GLN C 321 -9.92 1.75 51.37
N THR C 322 -9.91 3.08 51.39
CA THR C 322 -10.94 3.88 50.77
C THR C 322 -11.10 3.63 49.27
N PRO C 323 -12.28 3.16 48.84
CA PRO C 323 -12.56 2.87 47.43
C PRO C 323 -12.51 4.07 46.48
N TRP C 324 -12.17 3.77 45.24
CA TRP C 324 -12.07 4.73 44.14
C TRP C 324 -13.26 5.66 44.07
N SER C 325 -14.45 5.08 44.14
CA SER C 325 -15.67 5.87 44.03
C SER C 325 -15.85 6.85 45.17
N VAL C 326 -15.50 6.43 46.37
CA VAL C 326 -15.65 7.32 47.50
C VAL C 326 -14.65 8.47 47.39
N TRP C 327 -13.39 8.15 47.15
CA TRP C 327 -12.33 9.15 47.02
C TRP C 327 -12.69 10.15 45.92
N LEU C 328 -12.94 9.60 44.75
CA LEU C 328 -13.27 10.37 43.56
C LEU C 328 -14.34 11.41 43.82
N LYS C 329 -15.19 11.12 44.79
CA LYS C 329 -16.29 11.99 45.16
C LYS C 329 -15.76 13.27 45.82
N SER C 330 -14.84 13.12 46.77
CA SER C 330 -14.30 14.30 47.44
C SER C 330 -13.32 15.10 46.58
N HIS C 331 -12.48 14.41 45.81
CA HIS C 331 -11.54 15.08 44.92
C HIS C 331 -11.98 14.89 43.46
N PRO C 332 -13.01 15.63 43.04
CA PRO C 332 -13.52 15.52 41.67
C PRO C 332 -12.54 16.06 40.63
N ALA C 333 -12.28 15.27 39.59
CA ALA C 333 -11.37 15.68 38.52
C ALA C 333 -11.83 16.97 37.84
N LYS C 334 -10.90 17.65 37.19
CA LYS C 334 -11.25 18.89 36.55
C LYS C 334 -11.36 18.91 35.04
N ALA C 335 -12.09 19.93 34.60
CA ALA C 335 -12.41 20.26 33.24
C ALA C 335 -13.69 21.02 33.56
C1 IHS D . -8.56 2.59 13.50
O1 IHS D . -9.78 2.65 14.29
S1 IHS D . -10.40 4.05 14.82
C2 IHS D . -8.57 1.35 12.58
O2 IHS D . -10.08 5.17 13.85
S2 IHS D . -9.16 2.14 10.27
C3 IHS D . -8.67 -0.03 13.31
O3 IHS D . -9.65 4.26 16.15
S3 IHS D . -11.24 -0.98 13.33
C4 IHS D . -7.54 -0.17 14.31
O4 IHS D . -11.90 3.76 14.91
S4 IHS D . -5.71 -1.51 12.74
C5 IHS D . -7.30 1.06 15.27
S5 IHS D . -7.76 1.37 17.89
C6 IHS D . -7.31 2.40 14.46
S6 IHS D . -4.84 3.03 13.96
O12 IHS D . -9.62 1.50 11.68
O13 IHS D . -9.94 -0.19 14.02
O14 IHS D . -6.25 -0.24 13.60
O15 IHS D . -8.27 1.24 16.32
O16 IHS D . -6.17 2.34 13.62
O22 IHS D . -8.09 1.23 9.68
O23 IHS D . -11.65 -0.24 12.03
O24 IHS D . -6.72 -1.84 11.64
O25 IHS D . -7.66 -0.11 18.22
O26 IHS D . -4.33 2.54 15.33
O32 IHS D . -8.60 3.52 10.51
O33 IHS D . -12.32 -0.89 14.43
O34 IHS D . -5.50 -2.58 13.84
O35 IHS D . -8.88 2.17 18.55
O36 IHS D . -4.01 2.66 12.75
O42 IHS D . -10.44 2.19 9.53
O43 IHS D . -10.75 -2.40 13.07
O44 IHS D . -4.35 -1.05 12.22
O45 IHS D . -6.41 2.06 18.07
O46 IHS D . -5.24 4.55 13.98
C1 IHS E . 5.91 35.10 -16.21
O1 IHS E . 6.82 34.38 -17.06
S1 IHS E . 6.33 33.17 -18.00
C2 IHS E . 6.46 36.44 -15.76
O2 IHS E . 4.83 33.11 -17.92
S2 IHS E . 5.55 38.46 -17.09
C3 IHS E . 7.72 36.37 -14.90
O3 IHS E . 6.98 31.95 -17.35
S3 IHS E . 10.60 36.07 -15.49
C4 IHS E . 7.46 35.56 -13.68
O4 IHS E . 6.81 33.43 -19.40
S4 IHS E . 7.20 37.00 -11.57
C5 IHS E . 6.73 34.21 -13.87
S5 IHS E . 8.21 32.14 -13.18
C6 IHS E . 5.58 34.25 -14.92
S6 IHS E . 2.98 34.27 -14.42
O12 IHS E . 6.66 37.29 -16.86
O13 IHS E . 8.84 35.81 -15.65
O14 IHS E . 6.56 36.33 -12.81
O15 IHS E . 7.62 33.19 -14.27
O16 IHS E . 4.48 34.89 -14.27
O22 IHS E . 5.41 39.25 -15.80
O23 IHS E . 10.41 36.64 -14.44
O24 IHS E . 7.88 38.25 -11.77
O25 IHS E . 9.39 32.84 -12.56
O26 IHS E . 2.00 35.40 -14.44
O32 IHS E . 4.22 37.82 -17.48
O33 IHS E . 10.77 37.11 -16.41
O34 IHS E . 7.93 35.89 -10.83
O35 IHS E . 8.57 31.00 -14.12
O36 IHS E . 3.12 33.51 -15.72
O42 IHS E . 6.16 39.25 -18.20
O43 IHS E . 11.19 34.90 -15.28
O44 IHS E . 6.25 37.21 -10.81
O45 IHS E . 7.23 31.77 -12.13
O46 IHS E . 2.76 33.32 -13.24
C1 IHS F . 2.28 14.99 10.06
O1 IHS F . 1.59 15.63 8.89
S1 IHS F . 2.00 15.46 7.27
C2 IHS F . 1.22 14.37 11.02
O2 IHS F . 3.29 14.65 7.22
S2 IHS F . 0.96 11.83 10.95
C3 IHS F . 0.08 15.41 11.43
O3 IHS F . 2.22 16.93 6.78
S3 IHS F . -2.00 16.78 10.33
C4 IHS F . 0.70 16.52 12.21
O4 IHS F . 0.84 14.75 6.58
S4 IHS F . 0.26 15.96 14.79
C5 IHS F . 1.95 17.20 11.64
S5 IHS F . 1.51 19.78 11.28
C6 IHS F . 2.96 16.16 10.95
S6 IHS F . 5.20 15.18 12.09
O12 IHS F . 0.59 13.32 10.37
O13 IHS F . -0.54 16.08 10.28
O14 IHS F . 1.16 16.10 13.49
O15 IHS F . 1.62 18.23 10.71
O16 IHS F . 3.66 15.60 12.11
O22 IHS F . 0.68 11.73 12.42
O23 IHS F . -3.00 15.66 10.65
O24 IHS F . -0.81 14.93 14.53
O25 IHS F . 0.46 20.39 10.33
O26 IHS F . 6.04 16.39 11.68
O32 IHS F . 2.41 11.54 10.72
O33 IHS F . -2.16 17.34 8.93
O34 IHS F . -0.22 17.39 15.01
O35 IHS F . 3.00 20.18 11.13
O36 IHS F . 5.39 14.70 13.52
O42 IHS F . 0.10 10.96 10.12
O43 IHS F . -1.95 17.87 11.40
O44 IHS F . 1.29 15.52 15.83
O45 IHS F . 1.00 19.91 12.73
O46 IHS F . 5.34 14.00 11.07
#